data_5NBE
# 
_entry.id   5NBE 
# 
_audit_conform.dict_name       mmcif_pdbx.dic 
_audit_conform.dict_version    5.383 
_audit_conform.dict_location   http://mmcif.pdb.org/dictionaries/ascii/mmcif_pdbx.dic 
# 
loop_
_database_2.database_id 
_database_2.database_code 
_database_2.pdbx_database_accession 
_database_2.pdbx_DOI 
PDB   5NBE         pdb_00005nbe 10.2210/pdb5nbe/pdb 
WWPDB D_1200003801 ?            ?                   
# 
loop_
_pdbx_audit_revision_history.ordinal 
_pdbx_audit_revision_history.data_content_type 
_pdbx_audit_revision_history.major_revision 
_pdbx_audit_revision_history.minor_revision 
_pdbx_audit_revision_history.revision_date 
1 'Structure model' 1 0 2018-03-21 
2 'Structure model' 1 1 2019-08-28 
3 'Structure model' 2 0 2023-12-27 
4 'Structure model' 2 1 2024-01-10 
# 
_pdbx_audit_revision_details.ordinal             1 
_pdbx_audit_revision_details.revision_ordinal    1 
_pdbx_audit_revision_details.data_content_type   'Structure model' 
_pdbx_audit_revision_details.provider            repository 
_pdbx_audit_revision_details.type                'Initial release' 
_pdbx_audit_revision_details.description         ? 
_pdbx_audit_revision_details.details             ? 
# 
loop_
_pdbx_audit_revision_group.ordinal 
_pdbx_audit_revision_group.revision_ordinal 
_pdbx_audit_revision_group.data_content_type 
_pdbx_audit_revision_group.group 
1  2 'Structure model' 'Data collection'         
2  2 'Structure model' 'Database references'     
3  3 'Structure model' 'Atomic model'            
4  3 'Structure model' 'Data collection'         
5  3 'Structure model' 'Database references'     
6  3 'Structure model' 'Derived calculations'    
7  3 'Structure model' 'Non-polymer description' 
8  3 'Structure model' 'Structure summary'       
9  4 'Structure model' 'Derived calculations'    
10 4 'Structure model' 'Structure summary'       
# 
loop_
_pdbx_audit_revision_category.ordinal 
_pdbx_audit_revision_category.revision_ordinal 
_pdbx_audit_revision_category.data_content_type 
_pdbx_audit_revision_category.category 
1  2 'Structure model' citation               
2  2 'Structure model' citation_author        
3  3 'Structure model' atom_site              
4  3 'Structure model' chem_comp              
5  3 'Structure model' chem_comp_atom         
6  3 'Structure model' chem_comp_bond         
7  3 'Structure model' database_2             
8  3 'Structure model' entity                 
9  3 'Structure model' pdbx_entity_nonpoly    
10 3 'Structure model' pdbx_nonpoly_scheme    
11 3 'Structure model' pdbx_struct_conn_angle 
12 3 'Structure model' struct_conn            
13 3 'Structure model' struct_site            
14 4 'Structure model' chem_comp              
15 4 'Structure model' entity                 
16 4 'Structure model' pdbx_entity_nonpoly    
# 
loop_
_pdbx_audit_revision_item.ordinal 
_pdbx_audit_revision_item.revision_ordinal 
_pdbx_audit_revision_item.data_content_type 
_pdbx_audit_revision_item.item 
1  2 'Structure model' '_citation.country'                         
2  2 'Structure model' '_citation.journal_abbrev'                  
3  2 'Structure model' '_citation.journal_id_CSD'                  
4  2 'Structure model' '_citation.journal_id_ISSN'                 
5  2 'Structure model' '_citation.journal_volume'                  
6  2 'Structure model' '_citation.page_first'                      
7  2 'Structure model' '_citation.page_last'                       
8  2 'Structure model' '_citation.pdbx_database_id_DOI'            
9  2 'Structure model' '_citation.pdbx_database_id_PubMed'         
10 2 'Structure model' '_citation.title'                           
11 2 'Structure model' '_citation.year'                            
12 3 'Structure model' '_atom_site.auth_comp_id'                   
13 3 'Structure model' '_atom_site.label_comp_id'                  
14 3 'Structure model' '_chem_comp.id'                             
15 3 'Structure model' '_chem_comp.name'                           
16 3 'Structure model' '_database_2.pdbx_DOI'                      
17 3 'Structure model' '_database_2.pdbx_database_accession'       
18 3 'Structure model' '_entity.pdbx_description'                  
19 3 'Structure model' '_pdbx_entity_nonpoly.comp_id'              
20 3 'Structure model' '_pdbx_entity_nonpoly.name'                 
21 3 'Structure model' '_pdbx_nonpoly_scheme.mon_id'               
22 3 'Structure model' '_pdbx_nonpoly_scheme.pdb_mon_id'           
23 3 'Structure model' '_pdbx_struct_conn_angle.ptnr1_auth_seq_id' 
24 3 'Structure model' '_pdbx_struct_conn_angle.ptnr1_symmetry'    
25 3 'Structure model' '_pdbx_struct_conn_angle.ptnr3_auth_seq_id' 
26 3 'Structure model' '_pdbx_struct_conn_angle.ptnr3_symmetry'    
27 3 'Structure model' '_pdbx_struct_conn_angle.value'             
28 3 'Structure model' '_struct_conn.pdbx_dist_value'              
29 3 'Structure model' '_struct_conn.ptnr2_auth_seq_id'            
30 3 'Structure model' '_struct_conn.ptnr2_symmetry'               
31 3 'Structure model' '_struct_site.details'                      
32 3 'Structure model' '_struct_site.pdbx_auth_comp_id'            
33 4 'Structure model' '_chem_comp.name'                           
34 4 'Structure model' '_chem_comp.type'                           
35 4 'Structure model' '_entity.pdbx_description'                  
36 4 'Structure model' '_pdbx_entity_nonpoly.name'                 
# 
_pdbx_database_status.status_code                     REL 
_pdbx_database_status.status_code_sf                  REL 
_pdbx_database_status.status_code_mr                  ? 
_pdbx_database_status.entry_id                        5NBE 
_pdbx_database_status.recvd_initial_deposition_date   2017-03-01 
_pdbx_database_status.SG_entry                        N 
_pdbx_database_status.deposit_site                    PDBE 
_pdbx_database_status.process_site                    PDBE 
_pdbx_database_status.status_code_cs                  ? 
_pdbx_database_status.methods_development_category    ? 
_pdbx_database_status.pdb_format_compatible           Y 
_pdbx_database_status.status_code_nmr_data            ? 
# 
loop_
_audit_author.name 
_audit_author.pdbx_ordinal 
_audit_author.identifier_ORCID 
'McQuaid, K.T.' 1 ? 
'Hall, J.P.'    2 ? 
'Cardin, C.J.'  3 ? 
# 
_citation.abstract                  ? 
_citation.abstract_id_CAS           ? 
_citation.book_id_ISBN              ? 
_citation.book_publisher            ? 
_citation.book_publisher_city       ? 
_citation.book_title                ? 
_citation.coordinate_linkage        ? 
_citation.country                   GE 
_citation.database_id_Medline       ? 
_citation.details                   ? 
_citation.id                        primary 
_citation.journal_abbrev            Chemistry 
_citation.journal_id_ASTM           ? 
_citation.journal_id_CSD            ? 
_citation.journal_id_ISSN           0947-6539 
_citation.journal_full              ? 
_citation.journal_issue             ? 
_citation.journal_volume            24 
_citation.language                  ? 
_citation.page_first                15859 
_citation.page_last                 15867 
_citation.title                     
'X-ray Crystal Structures Show DNA Stacking Advantage of Terminal Nitrile Substitution in Ru-dppz Complexes.' 
_citation.year                      2018 
_citation.database_id_CSD           ? 
_citation.pdbx_database_id_DOI      10.1002/chem.201803021 
_citation.pdbx_database_id_PubMed   30063271 
_citation.unpublished_flag          ? 
# 
loop_
_citation_author.citation_id 
_citation_author.name 
_citation_author.ordinal 
_citation_author.identifier_ORCID 
primary 'McQuaid, K.'   1 ?                   
primary 'Hall, J.P.'    2 ?                   
primary 'Brazier, J.A.' 3 ?                   
primary 'Cardin, D.J.'  4 ?                   
primary 'Cardin, C.J.'  5 0000-0002-2556-9995 
# 
loop_
_entity.id 
_entity.type 
_entity.src_method 
_entity.pdbx_description 
_entity.formula_weight 
_entity.pdbx_number_of_molecules 
_entity.pdbx_ec 
_entity.pdbx_mutation 
_entity.pdbx_fragment 
_entity.details 
1 polymer     syn 
;DNA (5'-D(*TP*CP*GP*GP*CP*GP*CP*CP*GP*A)-3')
;
3045.992 1  ? ? ? ? 
2 non-polymer syn 'lambda-[Ru(tap2-dppz-CN)]2+'                  772.741  1  ? ? ? ? 
3 non-polymer syn 'BARIUM ION'                                   137.327  1  ? ? ? ? 
4 water       nat water                                          18.015   65 ? ? ? ? 
# 
_entity_poly.entity_id                      1 
_entity_poly.type                           polydeoxyribonucleotide 
_entity_poly.nstd_linkage                   no 
_entity_poly.nstd_monomer                   no 
_entity_poly.pdbx_seq_one_letter_code       '(DT)(DC)(DG)(DG)(DC)(DG)(DC)(DC)(DG)(DA)' 
_entity_poly.pdbx_seq_one_letter_code_can   TCGGCGCCGA 
_entity_poly.pdbx_strand_id                 A 
_entity_poly.pdbx_target_identifier         ? 
# 
loop_
_pdbx_entity_nonpoly.entity_id 
_pdbx_entity_nonpoly.name 
_pdbx_entity_nonpoly.comp_id 
2 'lambda-[Ru(tap2-dppz-CN)]2+' KSB 
3 'BARIUM ION'                  BA  
4 water                         HOH 
# 
loop_
_entity_poly_seq.entity_id 
_entity_poly_seq.num 
_entity_poly_seq.mon_id 
_entity_poly_seq.hetero 
1 1  DT n 
1 2  DC n 
1 3  DG n 
1 4  DG n 
1 5  DC n 
1 6  DG n 
1 7  DC n 
1 8  DC n 
1 9  DG n 
1 10 DA n 
# 
_pdbx_entity_src_syn.entity_id              1 
_pdbx_entity_src_syn.pdbx_src_id            1 
_pdbx_entity_src_syn.pdbx_alt_source_flag   sample 
_pdbx_entity_src_syn.pdbx_beg_seq_num       1 
_pdbx_entity_src_syn.pdbx_end_seq_num       10 
_pdbx_entity_src_syn.organism_scientific    'synthetic construct' 
_pdbx_entity_src_syn.organism_common_name   ? 
_pdbx_entity_src_syn.ncbi_taxonomy_id       32630 
_pdbx_entity_src_syn.details                ? 
# 
loop_
_chem_comp.id 
_chem_comp.type 
_chem_comp.mon_nstd_flag 
_chem_comp.name 
_chem_comp.pdbx_synonyms 
_chem_comp.formula 
_chem_comp.formula_weight 
BA  non-polymer                       . 'BARIUM ION'                         ?                                                 
'Ba 2'             137.327 
DA  'DNA linking'                     y "2'-DEOXYADENOSINE-5'-MONOPHOSPHATE" ?                                                 
'C10 H14 N5 O6 P'  331.222 
DC  'DNA linking'                     y "2'-DEOXYCYTIDINE-5'-MONOPHOSPHATE"  ?                                                 
'C9 H14 N3 O7 P'   307.197 
DG  'DNA linking'                     y "2'-DEOXYGUANOSINE-5'-MONOPHOSPHATE" ?                                                 
'C10 H14 N5 O7 P'  347.221 
DT  'DNA linking'                     y "THYMIDINE-5'-MONOPHOSPHATE"         ?                                                 
'C10 H15 N2 O8 P'  322.208 
HOH non-polymer                       . WATER                                ?                                                 
'H2 O'             18.015  
KSB 'D-beta-peptide, C-gamma linking' . 'lambda-[Ru(tap2-dppz-CN)]2+'        'Cyano-derivative of Ruthenium-dipyridophenazine' 
'C39 H21 N13 Ru 6' 772.741 
# 
loop_
_pdbx_poly_seq_scheme.asym_id 
_pdbx_poly_seq_scheme.entity_id 
_pdbx_poly_seq_scheme.seq_id 
_pdbx_poly_seq_scheme.mon_id 
_pdbx_poly_seq_scheme.ndb_seq_num 
_pdbx_poly_seq_scheme.pdb_seq_num 
_pdbx_poly_seq_scheme.auth_seq_num 
_pdbx_poly_seq_scheme.pdb_mon_id 
_pdbx_poly_seq_scheme.auth_mon_id 
_pdbx_poly_seq_scheme.pdb_strand_id 
_pdbx_poly_seq_scheme.pdb_ins_code 
_pdbx_poly_seq_scheme.hetero 
A 1 1  DT 1  1  1  DT DT A . n 
A 1 2  DC 2  2  2  DC DC A . n 
A 1 3  DG 3  3  3  DG DG A . n 
A 1 4  DG 4  4  4  DG DG A . n 
A 1 5  DC 5  5  5  DC DC A . n 
A 1 6  DG 6  6  6  DG DG A . n 
A 1 7  DC 7  7  7  DC DC A . n 
A 1 8  DC 8  8  8  DC DC A . n 
A 1 9  DG 9  9  9  DG DG A . n 
A 1 10 DA 10 10 10 DA DA A . n 
# 
loop_
_pdbx_nonpoly_scheme.asym_id 
_pdbx_nonpoly_scheme.entity_id 
_pdbx_nonpoly_scheme.mon_id 
_pdbx_nonpoly_scheme.ndb_seq_num 
_pdbx_nonpoly_scheme.pdb_seq_num 
_pdbx_nonpoly_scheme.auth_seq_num 
_pdbx_nonpoly_scheme.pdb_mon_id 
_pdbx_nonpoly_scheme.auth_mon_id 
_pdbx_nonpoly_scheme.pdb_strand_id 
_pdbx_nonpoly_scheme.pdb_ins_code 
B 2 KSB 1  101 1  KSB QHL A . 
C 3 BA  1  102 1  BA  BA  A . 
D 4 HOH 1  201 62 HOH HOH A . 
D 4 HOH 2  202 42 HOH HOH A . 
D 4 HOH 3  203 32 HOH HOH A . 
D 4 HOH 4  204 20 HOH HOH A . 
D 4 HOH 5  205 40 HOH HOH A . 
D 4 HOH 6  206 74 HOH HOH A . 
D 4 HOH 7  207 26 HOH HOH A . 
D 4 HOH 8  208 35 HOH HOH A . 
D 4 HOH 9  209 85 HOH HOH A . 
D 4 HOH 10 210 3  HOH HOH A . 
D 4 HOH 11 211 39 HOH HOH A . 
D 4 HOH 12 212 23 HOH HOH A . 
D 4 HOH 13 213 14 HOH HOH A . 
D 4 HOH 14 214 82 HOH HOH A . 
D 4 HOH 15 215 79 HOH HOH A . 
D 4 HOH 16 216 11 HOH HOH A . 
D 4 HOH 17 217 19 HOH HOH A . 
D 4 HOH 18 218 16 HOH HOH A . 
D 4 HOH 19 219 1  HOH HOH A . 
D 4 HOH 20 220 92 HOH HOH A . 
D 4 HOH 21 221 83 HOH HOH A . 
D 4 HOH 22 222 5  HOH HOH A . 
D 4 HOH 23 223 6  HOH HOH A . 
D 4 HOH 24 224 10 HOH HOH A . 
D 4 HOH 25 225 94 HOH HOH A . 
D 4 HOH 26 226 41 HOH HOH A . 
D 4 HOH 27 227 21 HOH HOH A . 
D 4 HOH 28 228 80 HOH HOH A . 
D 4 HOH 29 229 7  HOH HOH A . 
D 4 HOH 30 230 2  HOH HOH A . 
D 4 HOH 31 231 46 HOH HOH A . 
D 4 HOH 32 232 15 HOH HOH A . 
D 4 HOH 33 233 24 HOH HOH A . 
D 4 HOH 34 234 91 HOH HOH A . 
D 4 HOH 35 235 78 HOH HOH A . 
D 4 HOH 36 236 27 HOH HOH A . 
D 4 HOH 37 237 81 HOH HOH A . 
D 4 HOH 38 238 70 HOH HOH A . 
D 4 HOH 39 239 34 HOH HOH A . 
D 4 HOH 40 240 47 HOH HOH A . 
D 4 HOH 41 241 95 HOH HOH A . 
D 4 HOH 42 242 84 HOH HOH A . 
D 4 HOH 43 243 89 HOH HOH A . 
D 4 HOH 44 244 93 HOH HOH A . 
D 4 HOH 45 245 61 HOH HOH A . 
D 4 HOH 46 246 45 HOH HOH A . 
D 4 HOH 47 247 64 HOH HOH A . 
D 4 HOH 48 248 56 HOH HOH A . 
D 4 HOH 49 249 57 HOH HOH A . 
D 4 HOH 50 250 8  HOH HOH A . 
D 4 HOH 51 251 87 HOH HOH A . 
D 4 HOH 52 252 22 HOH HOH A . 
D 4 HOH 53 253 51 HOH HOH A . 
D 4 HOH 54 254 36 HOH HOH A . 
D 4 HOH 55 255 90 HOH HOH A . 
D 4 HOH 56 256 30 HOH HOH A . 
D 4 HOH 57 257 86 HOH HOH A . 
D 4 HOH 58 258 12 HOH HOH A . 
D 4 HOH 59 259 25 HOH HOH A . 
D 4 HOH 60 260 88 HOH HOH A . 
D 4 HOH 61 261 49 HOH HOH A . 
D 4 HOH 62 262 52 HOH HOH A . 
D 4 HOH 63 263 29 HOH HOH A . 
D 4 HOH 64 264 18 HOH HOH A . 
D 4 HOH 65 265 72 HOH HOH A . 
# 
loop_
_software.citation_id 
_software.classification 
_software.compiler_name 
_software.compiler_version 
_software.contact_author 
_software.contact_author_email 
_software.date 
_software.description 
_software.dependencies 
_software.hardware 
_software.language 
_software.location 
_software.mods 
_software.name 
_software.os 
_software.os_version 
_software.type 
_software.version 
_software.pdbx_ordinal 
? refinement       ? ? ? ? ? ? ? ? ? ? ? REFMAC  ? ? ? 5.8.0158 1 
? 'data reduction' ? ? ? ? ? ? ? ? ? ? ? XDS     ? ? ? .        2 
? 'data scaling'   ? ? ? ? ? ? ? ? ? ? ? XSCALE  ? ? ? .        3 
? phasing          ? ? ? ? ? ? ? ? ? ? ? SHELXDE ? ? ? .        4 
? 'data reduction' ? ? ? ? ? ? ? ? ? ? ? xia2    ? ? ? .        5 
? 'model building' ? ? ? ? ? ? ? ? ? ? ? Coot    ? ? ? .        6 
# 
_cell.angle_alpha                  90.00 
_cell.angle_alpha_esd              ? 
_cell.angle_beta                   90.00 
_cell.angle_beta_esd               ? 
_cell.angle_gamma                  90.00 
_cell.angle_gamma_esd              ? 
_cell.entry_id                     5NBE 
_cell.details                      ? 
_cell.formula_units_Z              ? 
_cell.length_a                     47.880 
_cell.length_a_esd                 ? 
_cell.length_b                     47.880 
_cell.length_b_esd                 ? 
_cell.length_c                     29.140 
_cell.length_c_esd                 ? 
_cell.volume                       ? 
_cell.volume_esd                   ? 
_cell.Z_PDB                        8 
_cell.reciprocal_angle_alpha       ? 
_cell.reciprocal_angle_beta        ? 
_cell.reciprocal_angle_gamma       ? 
_cell.reciprocal_angle_alpha_esd   ? 
_cell.reciprocal_angle_beta_esd    ? 
_cell.reciprocal_angle_gamma_esd   ? 
_cell.reciprocal_length_a          ? 
_cell.reciprocal_length_b          ? 
_cell.reciprocal_length_c          ? 
_cell.reciprocal_length_a_esd      ? 
_cell.reciprocal_length_b_esd      ? 
_cell.reciprocal_length_c_esd      ? 
_cell.pdbx_unique_axis             ? 
# 
_symmetry.entry_id                         5NBE 
_symmetry.cell_setting                     ? 
_symmetry.Int_Tables_number                96 
_symmetry.space_group_name_Hall            ? 
_symmetry.space_group_name_H-M             'P 43 21 2' 
_symmetry.pdbx_full_space_group_name_H-M   ? 
# 
_exptl.absorpt_coefficient_mu     ? 
_exptl.absorpt_correction_T_max   ? 
_exptl.absorpt_correction_T_min   ? 
_exptl.absorpt_correction_type    ? 
_exptl.absorpt_process_details    ? 
_exptl.entry_id                   5NBE 
_exptl.crystals_number            1 
_exptl.details                    ? 
_exptl.method                     'X-RAY DIFFRACTION' 
_exptl.method_details             ? 
# 
_exptl_crystal.colour                      ? 
_exptl_crystal.density_diffrn              ? 
_exptl_crystal.density_Matthews            2.74 
_exptl_crystal.density_method              ? 
_exptl_crystal.density_percent_sol         55.13 
_exptl_crystal.description                 ? 
_exptl_crystal.F_000                       ? 
_exptl_crystal.id                          1 
_exptl_crystal.preparation                 ? 
_exptl_crystal.size_max                    ? 
_exptl_crystal.size_mid                    ? 
_exptl_crystal.size_min                    ? 
_exptl_crystal.size_rad                    ? 
_exptl_crystal.colour_lustre               ? 
_exptl_crystal.colour_modifier             ? 
_exptl_crystal.colour_primary              ? 
_exptl_crystal.density_meas                ? 
_exptl_crystal.density_meas_esd            ? 
_exptl_crystal.density_meas_gt             ? 
_exptl_crystal.density_meas_lt             ? 
_exptl_crystal.density_meas_temp           ? 
_exptl_crystal.density_meas_temp_esd       ? 
_exptl_crystal.density_meas_temp_gt        ? 
_exptl_crystal.density_meas_temp_lt        ? 
_exptl_crystal.pdbx_crystal_image_url      ? 
_exptl_crystal.pdbx_crystal_image_format   ? 
_exptl_crystal.pdbx_mosaicity              ? 
_exptl_crystal.pdbx_mosaicity_esd          ? 
# 
_exptl_crystal_grow.apparatus       ? 
_exptl_crystal_grow.atmosphere      ? 
_exptl_crystal_grow.crystal_id      1 
_exptl_crystal_grow.details         ? 
_exptl_crystal_grow.method          'VAPOR DIFFUSION, SITTING DROP' 
_exptl_crystal_grow.method_ref      ? 
_exptl_crystal_grow.pH              7 
_exptl_crystal_grow.pressure        ? 
_exptl_crystal_grow.pressure_esd    ? 
_exptl_crystal_grow.seeding         ? 
_exptl_crystal_grow.seeding_ref     ? 
_exptl_crystal_grow.temp            292 
_exptl_crystal_grow.temp_details    ? 
_exptl_crystal_grow.temp_esd        ? 
_exptl_crystal_grow.time            ? 
_exptl_crystal_grow.pdbx_details    
;1uL 1mM dsDNA, 1ul 4mM rac[Ru(TAP)2(dppz-11-CM)]2+, 6ul of a solution containing 10% (v/v) 2-methyl-2,4-pentanediol, 80mM NaCl, 20mM Na-cacodylate pH 7, 20mM BaCl2 and 12mM spermine tetra-HCl equilibrated against 500uL 35% 2-methyl-2,4-pentanediol.
;
_exptl_crystal_grow.pdbx_pH_range   ? 
# 
_diffrn.ambient_environment    ? 
_diffrn.ambient_temp           100 
_diffrn.ambient_temp_details   ? 
_diffrn.ambient_temp_esd       ? 
_diffrn.crystal_id             1 
_diffrn.crystal_support        ? 
_diffrn.crystal_treatment      ? 
_diffrn.details                ? 
_diffrn.id                     1 
_diffrn.ambient_pressure       ? 
_diffrn.ambient_pressure_esd   ? 
_diffrn.ambient_pressure_gt    ? 
_diffrn.ambient_pressure_lt    ? 
_diffrn.ambient_temp_gt        ? 
_diffrn.ambient_temp_lt        ? 
# 
_diffrn_detector.details                      ? 
_diffrn_detector.detector                     PIXEL 
_diffrn_detector.diffrn_id                    1 
_diffrn_detector.type                         'DECTRIS PILATUS 6M-F' 
_diffrn_detector.area_resol_mean              ? 
_diffrn_detector.dtime                        ? 
_diffrn_detector.pdbx_frames_total            ? 
_diffrn_detector.pdbx_collection_time_total   ? 
_diffrn_detector.pdbx_collection_date         2016-02-20 
# 
_diffrn_radiation.collimation                      ? 
_diffrn_radiation.diffrn_id                        1 
_diffrn_radiation.filter_edge                      ? 
_diffrn_radiation.inhomogeneity                    ? 
_diffrn_radiation.monochromator                    'dual Si(111)' 
_diffrn_radiation.polarisn_norm                    ? 
_diffrn_radiation.polarisn_ratio                   ? 
_diffrn_radiation.probe                            ? 
_diffrn_radiation.type                             ? 
_diffrn_radiation.xray_symbol                      ? 
_diffrn_radiation.wavelength_id                    1 
_diffrn_radiation.pdbx_monochromatic_or_laue_m_l   M 
_diffrn_radiation.pdbx_wavelength_list             ? 
_diffrn_radiation.pdbx_wavelength                  ? 
_diffrn_radiation.pdbx_diffrn_protocol             'SINGLE WAVELENGTH' 
_diffrn_radiation.pdbx_analyzer                    ? 
_diffrn_radiation.pdbx_scattering_type             x-ray 
# 
_diffrn_radiation_wavelength.id           1 
_diffrn_radiation_wavelength.wavelength   0.9795 
_diffrn_radiation_wavelength.wt           1.0 
# 
_diffrn_source.current                     ? 
_diffrn_source.details                     ? 
_diffrn_source.diffrn_id                   1 
_diffrn_source.power                       ? 
_diffrn_source.size                        ? 
_diffrn_source.source                      SYNCHROTRON 
_diffrn_source.target                      ? 
_diffrn_source.type                        'DIAMOND BEAMLINE I02' 
_diffrn_source.voltage                     ? 
_diffrn_source.take-off_angle              ? 
_diffrn_source.pdbx_wavelength_list        0.9795 
_diffrn_source.pdbx_wavelength             ? 
_diffrn_source.pdbx_synchrotron_beamline   I02 
_diffrn_source.pdbx_synchrotron_site       Diamond 
# 
_reflns.B_iso_Wilson_estimate            ? 
_reflns.entry_id                         5NBE 
_reflns.data_reduction_details           ? 
_reflns.data_reduction_method            ? 
_reflns.d_resolution_high                1.51 
_reflns.d_resolution_low                 24.89 
_reflns.details                          ? 
_reflns.limit_h_max                      ? 
_reflns.limit_h_min                      ? 
_reflns.limit_k_max                      ? 
_reflns.limit_k_min                      ? 
_reflns.limit_l_max                      ? 
_reflns.limit_l_min                      ? 
_reflns.number_all                       ? 
_reflns.number_obs                       5452 
_reflns.observed_criterion               ? 
_reflns.observed_criterion_F_max         ? 
_reflns.observed_criterion_F_min         ? 
_reflns.observed_criterion_I_max         ? 
_reflns.observed_criterion_I_min         ? 
_reflns.observed_criterion_sigma_F       ? 
_reflns.observed_criterion_sigma_I       ? 
_reflns.percent_possible_obs             96.7 
_reflns.R_free_details                   ? 
_reflns.Rmerge_F_all                     ? 
_reflns.Rmerge_F_obs                     ? 
_reflns.Friedel_coverage                 ? 
_reflns.number_gt                        ? 
_reflns.threshold_expression             ? 
_reflns.pdbx_redundancy                  6.2 
_reflns.pdbx_Rmerge_I_obs                0.078 
_reflns.pdbx_Rmerge_I_all                ? 
_reflns.pdbx_Rsym_value                  ? 
_reflns.pdbx_netI_over_av_sigmaI         ? 
_reflns.pdbx_netI_over_sigmaI            11.4 
_reflns.pdbx_res_netI_over_av_sigmaI_2   ? 
_reflns.pdbx_res_netI_over_sigmaI_2      ? 
_reflns.pdbx_chi_squared                 ? 
_reflns.pdbx_scaling_rejects             ? 
_reflns.pdbx_d_res_high_opt              ? 
_reflns.pdbx_d_res_low_opt               ? 
_reflns.pdbx_d_res_opt_method            ? 
_reflns.phase_calculation_details        ? 
_reflns.pdbx_Rrim_I_all                  ? 
_reflns.pdbx_Rpim_I_all                  0.039 
_reflns.pdbx_d_opt                       ? 
_reflns.pdbx_number_measured_all         ? 
_reflns.pdbx_diffrn_id                   1 
_reflns.pdbx_ordinal                     1 
_reflns.pdbx_CC_half                     0.998 
_reflns.pdbx_R_split                     ? 
# 
_reflns_shell.d_res_high                  1.51 
_reflns_shell.d_res_low                   1.55 
_reflns_shell.meanI_over_sigI_all         ? 
_reflns_shell.meanI_over_sigI_obs         1.4 
_reflns_shell.number_measured_all         ? 
_reflns_shell.number_measured_obs         ? 
_reflns_shell.number_possible             ? 
_reflns_shell.number_unique_all           ? 
_reflns_shell.number_unique_obs           394 
_reflns_shell.percent_possible_all        97.2 
_reflns_shell.percent_possible_obs        ? 
_reflns_shell.Rmerge_F_all                ? 
_reflns_shell.Rmerge_F_obs                ? 
_reflns_shell.Rmerge_I_all                ? 
_reflns_shell.Rmerge_I_obs                1.318 
_reflns_shell.meanI_over_sigI_gt          ? 
_reflns_shell.meanI_over_uI_all           ? 
_reflns_shell.meanI_over_uI_gt            ? 
_reflns_shell.number_measured_gt          ? 
_reflns_shell.number_unique_gt            ? 
_reflns_shell.percent_possible_gt         ? 
_reflns_shell.Rmerge_F_gt                 ? 
_reflns_shell.Rmerge_I_gt                 ? 
_reflns_shell.pdbx_redundancy             5.9 
_reflns_shell.pdbx_Rsym_value             ? 
_reflns_shell.pdbx_chi_squared            ? 
_reflns_shell.pdbx_netI_over_sigmaI_all   ? 
_reflns_shell.pdbx_netI_over_sigmaI_obs   ? 
_reflns_shell.pdbx_Rrim_I_all             ? 
_reflns_shell.pdbx_Rpim_I_all             0.588 
_reflns_shell.pdbx_rejects                ? 
_reflns_shell.pdbx_ordinal                1 
_reflns_shell.pdbx_diffrn_id              1 
_reflns_shell.pdbx_CC_half                0.593 
_reflns_shell.pdbx_R_split                ? 
# 
_refine.aniso_B[1][1]                            0.73 
_refine.aniso_B[1][2]                            -0.00 
_refine.aniso_B[1][3]                            -0.00 
_refine.aniso_B[2][2]                            0.73 
_refine.aniso_B[2][3]                            -0.00 
_refine.aniso_B[3][3]                            -1.47 
_refine.B_iso_max                                ? 
_refine.B_iso_mean                               23.271 
_refine.B_iso_min                                ? 
_refine.correlation_coeff_Fo_to_Fc               0.977 
_refine.correlation_coeff_Fo_to_Fc_free          0.964 
_refine.details                                  'HYDROGENS HAVE BEEN ADDED IN THE RIDING POSITIONS' 
_refine.diff_density_max                         ? 
_refine.diff_density_max_esd                     ? 
_refine.diff_density_min                         ? 
_refine.diff_density_min_esd                     ? 
_refine.diff_density_rms                         ? 
_refine.diff_density_rms_esd                     ? 
_refine.entry_id                                 5NBE 
_refine.pdbx_refine_id                           'X-RAY DIFFRACTION' 
_refine.ls_abs_structure_details                 ? 
_refine.ls_abs_structure_Flack                   ? 
_refine.ls_abs_structure_Flack_esd               ? 
_refine.ls_abs_structure_Rogers                  ? 
_refine.ls_abs_structure_Rogers_esd              ? 
_refine.ls_d_res_high                            1.51 
_refine.ls_d_res_low                             24.89 
_refine.ls_extinction_coef                       ? 
_refine.ls_extinction_coef_esd                   ? 
_refine.ls_extinction_expression                 ? 
_refine.ls_extinction_method                     ? 
_refine.ls_goodness_of_fit_all                   ? 
_refine.ls_goodness_of_fit_all_esd               ? 
_refine.ls_goodness_of_fit_obs                   ? 
_refine.ls_goodness_of_fit_obs_esd               ? 
_refine.ls_hydrogen_treatment                    ? 
_refine.ls_matrix_type                           ? 
_refine.ls_number_constraints                    ? 
_refine.ls_number_parameters                     ? 
_refine.ls_number_reflns_all                     ? 
_refine.ls_number_reflns_obs                     5156 
_refine.ls_number_reflns_R_free                  281 
_refine.ls_number_reflns_R_work                  ? 
_refine.ls_number_restraints                     ? 
_refine.ls_percent_reflns_obs                    95.74 
_refine.ls_percent_reflns_R_free                 5.2 
_refine.ls_R_factor_all                          ? 
_refine.ls_R_factor_obs                          0.16628 
_refine.ls_R_factor_R_free                       0.19033 
_refine.ls_R_factor_R_free_error                 ? 
_refine.ls_R_factor_R_free_error_details         ? 
_refine.ls_R_factor_R_work                       0.16482 
_refine.ls_R_Fsqd_factor_obs                     ? 
_refine.ls_R_I_factor_obs                        ? 
_refine.ls_redundancy_reflns_all                 ? 
_refine.ls_redundancy_reflns_obs                 ? 
_refine.ls_restrained_S_all                      ? 
_refine.ls_restrained_S_obs                      ? 
_refine.ls_shift_over_esd_max                    ? 
_refine.ls_shift_over_esd_mean                   ? 
_refine.ls_structure_factor_coef                 ? 
_refine.ls_weighting_details                     ? 
_refine.ls_weighting_scheme                      ? 
_refine.ls_wR_factor_all                         ? 
_refine.ls_wR_factor_obs                         ? 
_refine.ls_wR_factor_R_free                      ? 
_refine.ls_wR_factor_R_work                      ? 
_refine.occupancy_max                            ? 
_refine.occupancy_min                            ? 
_refine.solvent_model_details                    MASK 
_refine.solvent_model_param_bsol                 ? 
_refine.solvent_model_param_ksol                 ? 
_refine.ls_R_factor_gt                           ? 
_refine.ls_goodness_of_fit_gt                    ? 
_refine.ls_goodness_of_fit_ref                   ? 
_refine.ls_shift_over_su_max                     ? 
_refine.ls_shift_over_su_max_lt                  ? 
_refine.ls_shift_over_su_mean                    ? 
_refine.ls_shift_over_su_mean_lt                 ? 
_refine.pdbx_ls_sigma_I                          ? 
_refine.pdbx_ls_sigma_F                          ? 
_refine.pdbx_ls_sigma_Fsqd                       ? 
_refine.pdbx_data_cutoff_high_absF               ? 
_refine.pdbx_data_cutoff_high_rms_absF           ? 
_refine.pdbx_data_cutoff_low_absF                ? 
_refine.pdbx_isotropic_thermal_model             ? 
_refine.pdbx_ls_cross_valid_method               THROUGHOUT 
_refine.pdbx_method_to_determine_struct          SAD 
_refine.pdbx_starting_model                      ? 
_refine.pdbx_stereochemistry_target_values       'MAXIMUM LIKELIHOOD' 
_refine.pdbx_R_Free_selection_details            RANDOM 
_refine.pdbx_stereochem_target_val_spec_case     ? 
_refine.pdbx_overall_ESU_R                       0.082 
_refine.pdbx_overall_ESU_R_Free                  0.080 
_refine.pdbx_solvent_vdw_probe_radii             1.20 
_refine.pdbx_solvent_ion_probe_radii             0.80 
_refine.pdbx_solvent_shrinkage_radii             0.80 
_refine.pdbx_real_space_R                        ? 
_refine.pdbx_density_correlation                 ? 
_refine.pdbx_pd_number_of_powder_patterns        ? 
_refine.pdbx_pd_number_of_points                 ? 
_refine.pdbx_pd_meas_number_of_points            ? 
_refine.pdbx_pd_proc_ls_prof_R_factor            ? 
_refine.pdbx_pd_proc_ls_prof_wR_factor           ? 
_refine.pdbx_pd_Marquardt_correlation_coeff      ? 
_refine.pdbx_pd_Fsqrd_R_factor                   ? 
_refine.pdbx_pd_ls_matrix_band_width             ? 
_refine.pdbx_overall_phase_error                 ? 
_refine.pdbx_overall_SU_R_free_Cruickshank_DPI   ? 
_refine.pdbx_overall_SU_R_free_Blow_DPI          ? 
_refine.pdbx_overall_SU_R_Blow_DPI               ? 
_refine.pdbx_TLS_residual_ADP_flag               ? 
_refine.pdbx_diffrn_id                           1 
_refine.overall_SU_B                             2.024 
_refine.overall_SU_ML                            0.069 
_refine.overall_SU_R_Cruickshank_DPI             ? 
_refine.overall_SU_R_free                        ? 
_refine.overall_FOM_free_R_set                   ? 
_refine.overall_FOM_work_R_set                   ? 
_refine.pdbx_average_fsc_overall                 ? 
_refine.pdbx_average_fsc_work                    ? 
_refine.pdbx_average_fsc_free                    ? 
# 
_refine_hist.pdbx_refine_id                   'X-RAY DIFFRACTION' 
_refine_hist.cycle_id                         1 
_refine_hist.pdbx_number_atoms_protein        0 
_refine_hist.pdbx_number_atoms_nucleic_acid   202 
_refine_hist.pdbx_number_atoms_ligand         54 
_refine_hist.number_atoms_solvent             65 
_refine_hist.number_atoms_total               321 
_refine_hist.d_res_high                       1.51 
_refine_hist.d_res_low                        24.89 
# 
loop_
_refine_ls_restr.pdbx_refine_id 
_refine_ls_restr.criterion 
_refine_ls_restr.dev_ideal 
_refine_ls_restr.dev_ideal_target 
_refine_ls_restr.number 
_refine_ls_restr.rejects 
_refine_ls_restr.type 
_refine_ls_restr.weight 
_refine_ls_restr.pdbx_restraint_function 
'X-RAY DIFFRACTION' ? 0.016 0.014  358 ? r_bond_refined_d             ? ? 
'X-RAY DIFFRACTION' ? 0.003 0.020  154 ? r_bond_other_d               ? ? 
'X-RAY DIFFRACTION' ? 2.869 1.880  571 ? r_angle_refined_deg          ? ? 
'X-RAY DIFFRACTION' ? 1.460 3.000  348 ? r_angle_other_deg            ? ? 
'X-RAY DIFFRACTION' ? ?     ?      ?   ? r_dihedral_angle_1_deg       ? ? 
'X-RAY DIFFRACTION' ? ?     ?      ?   ? r_dihedral_angle_2_deg       ? ? 
'X-RAY DIFFRACTION' ? ?     ?      ?   ? r_dihedral_angle_3_deg       ? ? 
'X-RAY DIFFRACTION' ? ?     ?      ?   ? r_dihedral_angle_4_deg       ? ? 
'X-RAY DIFFRACTION' ? 0.052 0.200  30  ? r_chiral_restr               ? ? 
'X-RAY DIFFRACTION' ? 0.019 0.020  231 ? r_gen_planes_refined         ? ? 
'X-RAY DIFFRACTION' ? 0.002 0.020  98  ? r_gen_planes_other           ? ? 
'X-RAY DIFFRACTION' ? ?     ?      ?   ? r_nbd_refined                ? ? 
'X-RAY DIFFRACTION' ? ?     ?      ?   ? r_nbd_other                  ? ? 
'X-RAY DIFFRACTION' ? ?     ?      ?   ? r_nbtor_refined              ? ? 
'X-RAY DIFFRACTION' ? ?     ?      ?   ? r_nbtor_other                ? ? 
'X-RAY DIFFRACTION' ? ?     ?      ?   ? r_xyhbond_nbd_refined        ? ? 
'X-RAY DIFFRACTION' ? ?     ?      ?   ? r_xyhbond_nbd_other          ? ? 
'X-RAY DIFFRACTION' ? ?     ?      ?   ? r_metal_ion_refined          ? ? 
'X-RAY DIFFRACTION' ? ?     ?      ?   ? r_metal_ion_other            ? ? 
'X-RAY DIFFRACTION' ? ?     ?      ?   ? r_symmetry_vdw_refined       ? ? 
'X-RAY DIFFRACTION' ? ?     ?      ?   ? r_symmetry_vdw_other         ? ? 
'X-RAY DIFFRACTION' ? ?     ?      ?   ? r_symmetry_hbond_refined     ? ? 
'X-RAY DIFFRACTION' ? ?     ?      ?   ? r_symmetry_hbond_other       ? ? 
'X-RAY DIFFRACTION' ? ?     ?      ?   ? r_symmetry_metal_ion_refined ? ? 
'X-RAY DIFFRACTION' ? ?     ?      ?   ? r_symmetry_metal_ion_other   ? ? 
'X-RAY DIFFRACTION' ? ?     ?      ?   ? r_mcbond_it                  ? ? 
'X-RAY DIFFRACTION' ? ?     ?      ?   ? r_mcbond_other               ? ? 
'X-RAY DIFFRACTION' ? ?     ?      ?   ? r_mcangle_it                 ? ? 
'X-RAY DIFFRACTION' ? ?     ?      ?   ? r_mcangle_other              ? ? 
'X-RAY DIFFRACTION' ? 1.211 2.178  358 ? r_scbond_it                  ? ? 
'X-RAY DIFFRACTION' ? 1.209 2.177  359 ? r_scbond_other               ? ? 
'X-RAY DIFFRACTION' ? ?     ?      ?   ? r_scangle_it                 ? ? 
'X-RAY DIFFRACTION' ? 1.830 3.249  572 ? r_scangle_other              ? ? 
'X-RAY DIFFRACTION' ? 3.102 17.027 987 ? r_long_range_B_refined       ? ? 
'X-RAY DIFFRACTION' ? 3.100 17.025 988 ? r_long_range_B_other         ? ? 
'X-RAY DIFFRACTION' ? ?     ?      ?   ? r_rigid_bond_restr           ? ? 
'X-RAY DIFFRACTION' ? ?     ?      ?   ? r_sphericity_free            ? ? 
'X-RAY DIFFRACTION' ? ?     ?      ?   ? r_sphericity_bonded          ? ? 
# 
_refine_ls_shell.pdbx_refine_id                   'X-RAY DIFFRACTION' 
_refine_ls_shell.d_res_high                       1.510 
_refine_ls_shell.d_res_low                        1.549 
_refine_ls_shell.number_reflns_all                ? 
_refine_ls_shell.number_reflns_obs                ? 
_refine_ls_shell.number_reflns_R_free             20 
_refine_ls_shell.number_reflns_R_work             373 
_refine_ls_shell.percent_reflns_obs               96.80 
_refine_ls_shell.percent_reflns_R_free            ? 
_refine_ls_shell.R_factor_all                     ? 
_refine_ls_shell.R_factor_obs                     ? 
_refine_ls_shell.R_factor_R_free                  0.282 
_refine_ls_shell.R_factor_R_free_error            ? 
_refine_ls_shell.R_factor_R_work                  0.312 
_refine_ls_shell.redundancy_reflns_all            ? 
_refine_ls_shell.redundancy_reflns_obs            ? 
_refine_ls_shell.wR_factor_all                    ? 
_refine_ls_shell.wR_factor_obs                    ? 
_refine_ls_shell.wR_factor_R_free                 ? 
_refine_ls_shell.wR_factor_R_work                 ? 
_refine_ls_shell.pdbx_total_number_of_bins_used   20 
_refine_ls_shell.pdbx_phase_error                 ? 
_refine_ls_shell.pdbx_fsc_work                    ? 
_refine_ls_shell.pdbx_fsc_free                    ? 
# 
_struct.entry_id                     5NBE 
_struct.title                        '[Ru(TAP)2(dppz-11-CN)]2+ bound to d(TCGGCGCCGA)2' 
_struct.pdbx_model_details           ? 
_struct.pdbx_formula_weight          ? 
_struct.pdbx_formula_weight_method   ? 
_struct.pdbx_model_type_details      ? 
_struct.pdbx_CASP_flag               N 
# 
_struct_keywords.entry_id        5NBE 
_struct_keywords.text            'Ruthenium, intercalation, DNA, asymmetric' 
_struct_keywords.pdbx_keywords   DNA 
# 
loop_
_struct_asym.id 
_struct_asym.pdbx_blank_PDB_chainid_flag 
_struct_asym.pdbx_modified 
_struct_asym.entity_id 
_struct_asym.details 
A N N 1 ? 
B N N 2 ? 
C N N 3 ? 
D N N 4 ? 
# 
_struct_ref.id                         1 
_struct_ref.db_name                    PDB 
_struct_ref.db_code                    5NBE 
_struct_ref.pdbx_db_accession          5NBE 
_struct_ref.pdbx_db_isoform            ? 
_struct_ref.entity_id                  1 
_struct_ref.pdbx_seq_one_letter_code   ? 
_struct_ref.pdbx_align_begin           1 
# 
_struct_ref_seq.align_id                      1 
_struct_ref_seq.ref_id                        1 
_struct_ref_seq.pdbx_PDB_id_code              5NBE 
_struct_ref_seq.pdbx_strand_id                A 
_struct_ref_seq.seq_align_beg                 1 
_struct_ref_seq.pdbx_seq_align_beg_ins_code   ? 
_struct_ref_seq.seq_align_end                 10 
_struct_ref_seq.pdbx_seq_align_end_ins_code   ? 
_struct_ref_seq.pdbx_db_accession             5NBE 
_struct_ref_seq.db_align_beg                  1 
_struct_ref_seq.pdbx_db_align_beg_ins_code    ? 
_struct_ref_seq.db_align_end                  10 
_struct_ref_seq.pdbx_db_align_end_ins_code    ? 
_struct_ref_seq.pdbx_auth_seq_align_beg       1 
_struct_ref_seq.pdbx_auth_seq_align_end       10 
# 
_pdbx_struct_assembly.id                   1 
_pdbx_struct_assembly.details              author_and_software_defined_assembly 
_pdbx_struct_assembly.method_details       PISA 
_pdbx_struct_assembly.oligomeric_details   dimeric 
_pdbx_struct_assembly.oligomeric_count     2 
# 
loop_
_pdbx_struct_assembly_prop.biol_id 
_pdbx_struct_assembly_prop.type 
_pdbx_struct_assembly_prop.value 
_pdbx_struct_assembly_prop.details 
1 'ABSA (A^2)' 2080 ? 
1 MORE         -20  ? 
1 'SSA (A^2)'  4510 ? 
# 
_pdbx_struct_assembly_gen.assembly_id       1 
_pdbx_struct_assembly_gen.oper_expression   1,2 
_pdbx_struct_assembly_gen.asym_id_list      A,B,C,D 
# 
_pdbx_struct_assembly_auth_evidence.id                     1 
_pdbx_struct_assembly_auth_evidence.assembly_id            1 
_pdbx_struct_assembly_auth_evidence.experimental_support   none 
_pdbx_struct_assembly_auth_evidence.details                ? 
# 
loop_
_pdbx_struct_oper_list.id 
_pdbx_struct_oper_list.type 
_pdbx_struct_oper_list.name 
_pdbx_struct_oper_list.symmetry_operation 
_pdbx_struct_oper_list.matrix[1][1] 
_pdbx_struct_oper_list.matrix[1][2] 
_pdbx_struct_oper_list.matrix[1][3] 
_pdbx_struct_oper_list.vector[1] 
_pdbx_struct_oper_list.matrix[2][1] 
_pdbx_struct_oper_list.matrix[2][2] 
_pdbx_struct_oper_list.matrix[2][3] 
_pdbx_struct_oper_list.vector[2] 
_pdbx_struct_oper_list.matrix[3][1] 
_pdbx_struct_oper_list.matrix[3][2] 
_pdbx_struct_oper_list.matrix[3][3] 
_pdbx_struct_oper_list.vector[3] 
1 'identity operation'         1_555 x,y,z  1.0000000000 0.0000000000  0.0000000000 0.0000000000  0.0000000000  1.0000000000  0.0000000000  0.0000000000 0.0000000000 0.0000000000  1.0000000000  0.0000000000 
2 'crystal symmetry operation' 7_555 y,x,-z 0.7980435177 -0.5550820916 0.2345429928 -0.6221566765 -0.5550820916 -0.8286381139 -0.0724068209 0.2515825050 0.2345429928 -0.0724068209 -0.9694054038 5.3649597779 
# 
loop_
_struct_conn.id 
_struct_conn.conn_type_id 
_struct_conn.pdbx_leaving_atom_flag 
_struct_conn.pdbx_PDB_id 
_struct_conn.ptnr1_label_asym_id 
_struct_conn.ptnr1_label_comp_id 
_struct_conn.ptnr1_label_seq_id 
_struct_conn.ptnr1_label_atom_id 
_struct_conn.pdbx_ptnr1_label_alt_id 
_struct_conn.pdbx_ptnr1_PDB_ins_code 
_struct_conn.pdbx_ptnr1_standard_comp_id 
_struct_conn.ptnr1_symmetry 
_struct_conn.ptnr2_label_asym_id 
_struct_conn.ptnr2_label_comp_id 
_struct_conn.ptnr2_label_seq_id 
_struct_conn.ptnr2_label_atom_id 
_struct_conn.pdbx_ptnr2_label_alt_id 
_struct_conn.pdbx_ptnr2_PDB_ins_code 
_struct_conn.ptnr1_auth_asym_id 
_struct_conn.ptnr1_auth_comp_id 
_struct_conn.ptnr1_auth_seq_id 
_struct_conn.ptnr2_auth_asym_id 
_struct_conn.ptnr2_auth_comp_id 
_struct_conn.ptnr2_auth_seq_id 
_struct_conn.ptnr2_symmetry 
_struct_conn.pdbx_ptnr3_label_atom_id 
_struct_conn.pdbx_ptnr3_label_seq_id 
_struct_conn.pdbx_ptnr3_label_comp_id 
_struct_conn.pdbx_ptnr3_label_asym_id 
_struct_conn.pdbx_ptnr3_label_alt_id 
_struct_conn.pdbx_ptnr3_PDB_ins_code 
_struct_conn.details 
_struct_conn.pdbx_dist_value 
_struct_conn.pdbx_value_order 
_struct_conn.pdbx_role 
metalc1  metalc ? ? A DG 4  O6 ? ? ? 1_555 C BA  .  BA ? ? A DG 4   A BA  102 1_555 ? ? ? ? ? ? ?            2.780 ? ? 
metalc2  metalc ? ? C BA .  BA ? ? ? 1_555 D HOH .  O  ? ? A BA 102 A HOH 212 1_555 ? ? ? ? ? ? ?            2.914 ? ? 
metalc3  metalc ? ? C BA .  BA ? ? ? 1_555 D HOH .  O  ? ? A BA 102 A HOH 218 1_555 ? ? ? ? ? ? ?            2.584 ? ? 
metalc4  metalc ? ? C BA .  BA ? ? ? 1_555 D HOH .  O  ? ? A BA 102 A HOH 228 7_555 ? ? ? ? ? ? ?            2.735 ? ? 
metalc5  metalc ? ? C BA .  BA ? ? ? 1_555 D HOH .  O  ? ? A BA 102 A HOH 230 1_555 ? ? ? ? ? ? ?            2.777 ? ? 
metalc6  metalc ? ? C BA .  BA ? ? ? 1_555 D HOH .  O  ? ? A BA 102 A HOH 241 1_555 ? ? ? ? ? ? ?            2.694 ? ? 
metalc7  metalc ? ? C BA .  BA ? ? ? 1_555 D HOH .  O  ? ? A BA 102 A HOH 264 1_555 ? ? ? ? ? ? ?            2.576 ? ? 
hydrog1  hydrog ? ? A DT 1  N3 ? ? ? 1_555 A DA  10 N1 ? ? A DT 1   A DA  10  7_555 ? ? ? ? ? ? WATSON-CRICK ?     ? ? 
hydrog2  hydrog ? ? A DT 1  O4 ? ? ? 1_555 A DA  10 N6 ? ? A DT 1   A DA  10  7_555 ? ? ? ? ? ? WATSON-CRICK ?     ? ? 
hydrog3  hydrog ? ? A DC 2  N3 ? ? ? 1_555 A DG  9  N1 ? ? A DC 2   A DG  9   7_555 ? ? ? ? ? ? WATSON-CRICK ?     ? ? 
hydrog4  hydrog ? ? A DC 2  N4 ? ? ? 1_555 A DG  9  O6 ? ? A DC 2   A DG  9   7_555 ? ? ? ? ? ? WATSON-CRICK ?     ? ? 
hydrog5  hydrog ? ? A DC 2  O2 ? ? ? 1_555 A DG  9  N2 ? ? A DC 2   A DG  9   7_555 ? ? ? ? ? ? WATSON-CRICK ?     ? ? 
hydrog6  hydrog ? ? A DG 3  N1 ? ? ? 1_555 A DC  8  N3 ? ? A DG 3   A DC  8   7_555 ? ? ? ? ? ? WATSON-CRICK ?     ? ? 
hydrog7  hydrog ? ? A DG 3  N2 ? ? ? 1_555 A DC  8  O2 ? ? A DG 3   A DC  8   7_555 ? ? ? ? ? ? WATSON-CRICK ?     ? ? 
hydrog8  hydrog ? ? A DG 3  O6 ? ? ? 1_555 A DC  8  N4 ? ? A DG 3   A DC  8   7_555 ? ? ? ? ? ? WATSON-CRICK ?     ? ? 
hydrog9  hydrog ? ? A DG 4  N1 ? ? ? 1_555 A DC  7  N3 ? ? A DG 4   A DC  7   7_555 ? ? ? ? ? ? WATSON-CRICK ?     ? ? 
hydrog10 hydrog ? ? A DG 4  N2 ? ? ? 1_555 A DC  7  O2 ? ? A DG 4   A DC  7   7_555 ? ? ? ? ? ? WATSON-CRICK ?     ? ? 
hydrog11 hydrog ? ? A DG 4  O6 ? ? ? 1_555 A DC  7  N4 ? ? A DG 4   A DC  7   7_555 ? ? ? ? ? ? WATSON-CRICK ?     ? ? 
hydrog12 hydrog ? ? A DC 5  N3 ? ? ? 1_555 A DG  6  N1 ? ? A DC 5   A DG  6   7_555 ? ? ? ? ? ? WATSON-CRICK ?     ? ? 
hydrog13 hydrog ? ? A DC 5  N4 ? ? ? 1_555 A DG  6  O6 ? ? A DC 5   A DG  6   7_555 ? ? ? ? ? ? WATSON-CRICK ?     ? ? 
hydrog14 hydrog ? ? A DC 5  O2 ? ? ? 1_555 A DG  6  N2 ? ? A DC 5   A DG  6   7_555 ? ? ? ? ? ? WATSON-CRICK ?     ? ? 
hydrog15 hydrog ? ? A DG 6  N1 ? ? ? 1_555 A DC  5  N3 ? ? A DG 6   A DC  5   7_555 ? ? ? ? ? ? WATSON-CRICK ?     ? ? 
hydrog16 hydrog ? ? A DG 6  N2 ? ? ? 1_555 A DC  5  O2 ? ? A DG 6   A DC  5   7_555 ? ? ? ? ? ? WATSON-CRICK ?     ? ? 
hydrog17 hydrog ? ? A DG 6  O6 ? ? ? 1_555 A DC  5  N4 ? ? A DG 6   A DC  5   7_555 ? ? ? ? ? ? WATSON-CRICK ?     ? ? 
hydrog18 hydrog ? ? A DC 7  N3 ? ? ? 1_555 A DG  4  N1 ? ? A DC 7   A DG  4   7_555 ? ? ? ? ? ? WATSON-CRICK ?     ? ? 
hydrog19 hydrog ? ? A DC 7  N4 ? ? ? 1_555 A DG  4  O6 ? ? A DC 7   A DG  4   7_555 ? ? ? ? ? ? WATSON-CRICK ?     ? ? 
hydrog20 hydrog ? ? A DC 7  O2 ? ? ? 1_555 A DG  4  N2 ? ? A DC 7   A DG  4   7_555 ? ? ? ? ? ? WATSON-CRICK ?     ? ? 
hydrog21 hydrog ? ? A DC 8  N3 ? ? ? 1_555 A DG  3  N1 ? ? A DC 8   A DG  3   7_555 ? ? ? ? ? ? WATSON-CRICK ?     ? ? 
hydrog22 hydrog ? ? A DC 8  N4 ? ? ? 1_555 A DG  3  O6 ? ? A DC 8   A DG  3   7_555 ? ? ? ? ? ? WATSON-CRICK ?     ? ? 
hydrog23 hydrog ? ? A DC 8  O2 ? ? ? 1_555 A DG  3  N2 ? ? A DC 8   A DG  3   7_555 ? ? ? ? ? ? WATSON-CRICK ?     ? ? 
hydrog24 hydrog ? ? A DG 9  N1 ? ? ? 1_555 A DC  2  N3 ? ? A DG 9   A DC  2   7_555 ? ? ? ? ? ? WATSON-CRICK ?     ? ? 
hydrog25 hydrog ? ? A DG 9  N2 ? ? ? 1_555 A DC  2  O2 ? ? A DG 9   A DC  2   7_555 ? ? ? ? ? ? WATSON-CRICK ?     ? ? 
hydrog26 hydrog ? ? A DG 9  O6 ? ? ? 1_555 A DC  2  N4 ? ? A DG 9   A DC  2   7_555 ? ? ? ? ? ? WATSON-CRICK ?     ? ? 
hydrog27 hydrog ? ? A DA 10 N1 ? ? ? 1_555 A DT  1  N3 ? ? A DA 10  A DT  1   7_555 ? ? ? ? ? ? WATSON-CRICK ?     ? ? 
hydrog28 hydrog ? ? A DA 10 N6 ? ? ? 1_555 A DT  1  O4 ? ? A DA 10  A DT  1   7_555 ? ? ? ? ? ? WATSON-CRICK ?     ? ? 
# 
loop_
_struct_conn_type.id 
_struct_conn_type.criteria 
_struct_conn_type.reference 
metalc ? ? 
hydrog ? ? 
# 
loop_
_pdbx_struct_conn_angle.id 
_pdbx_struct_conn_angle.ptnr1_label_atom_id 
_pdbx_struct_conn_angle.ptnr1_label_alt_id 
_pdbx_struct_conn_angle.ptnr1_label_asym_id 
_pdbx_struct_conn_angle.ptnr1_label_comp_id 
_pdbx_struct_conn_angle.ptnr1_label_seq_id 
_pdbx_struct_conn_angle.ptnr1_auth_atom_id 
_pdbx_struct_conn_angle.ptnr1_auth_asym_id 
_pdbx_struct_conn_angle.ptnr1_auth_comp_id 
_pdbx_struct_conn_angle.ptnr1_auth_seq_id 
_pdbx_struct_conn_angle.ptnr1_PDB_ins_code 
_pdbx_struct_conn_angle.ptnr1_symmetry 
_pdbx_struct_conn_angle.ptnr2_label_atom_id 
_pdbx_struct_conn_angle.ptnr2_label_alt_id 
_pdbx_struct_conn_angle.ptnr2_label_asym_id 
_pdbx_struct_conn_angle.ptnr2_label_comp_id 
_pdbx_struct_conn_angle.ptnr2_label_seq_id 
_pdbx_struct_conn_angle.ptnr2_auth_atom_id 
_pdbx_struct_conn_angle.ptnr2_auth_asym_id 
_pdbx_struct_conn_angle.ptnr2_auth_comp_id 
_pdbx_struct_conn_angle.ptnr2_auth_seq_id 
_pdbx_struct_conn_angle.ptnr2_PDB_ins_code 
_pdbx_struct_conn_angle.ptnr2_symmetry 
_pdbx_struct_conn_angle.ptnr3_label_atom_id 
_pdbx_struct_conn_angle.ptnr3_label_alt_id 
_pdbx_struct_conn_angle.ptnr3_label_asym_id 
_pdbx_struct_conn_angle.ptnr3_label_comp_id 
_pdbx_struct_conn_angle.ptnr3_label_seq_id 
_pdbx_struct_conn_angle.ptnr3_auth_atom_id 
_pdbx_struct_conn_angle.ptnr3_auth_asym_id 
_pdbx_struct_conn_angle.ptnr3_auth_comp_id 
_pdbx_struct_conn_angle.ptnr3_auth_seq_id 
_pdbx_struct_conn_angle.ptnr3_PDB_ins_code 
_pdbx_struct_conn_angle.ptnr3_symmetry 
_pdbx_struct_conn_angle.value 
_pdbx_struct_conn_angle.value_esd 
1  O6 ? A DG  4 ? A DG  4   ? 1_555 BA ? C BA . ? A BA 102 ? 1_555 O ? D HOH . ? A HOH 212 ? 1_555 129.6 ? 
2  O6 ? A DG  4 ? A DG  4   ? 1_555 BA ? C BA . ? A BA 102 ? 1_555 O ? D HOH . ? A HOH 218 ? 1_555 72.7  ? 
3  O  ? D HOH . ? A HOH 212 ? 1_555 BA ? C BA . ? A BA 102 ? 1_555 O ? D HOH . ? A HOH 218 ? 1_555 142.1 ? 
4  O6 ? A DG  4 ? A DG  4   ? 1_555 BA ? C BA . ? A BA 102 ? 1_555 O ? D HOH . ? A HOH 228 ? 7_555 66.4  ? 
5  O  ? D HOH . ? A HOH 212 ? 1_555 BA ? C BA . ? A BA 102 ? 1_555 O ? D HOH . ? A HOH 228 ? 7_555 134.2 ? 
6  O  ? D HOH . ? A HOH 218 ? 1_555 BA ? C BA . ? A BA 102 ? 1_555 O ? D HOH . ? A HOH 228 ? 7_555 80.1  ? 
7  O6 ? A DG  4 ? A DG  4   ? 1_555 BA ? C BA . ? A BA 102 ? 1_555 O ? D HOH . ? A HOH 230 ? 1_555 140.9 ? 
8  O  ? D HOH . ? A HOH 212 ? 1_555 BA ? C BA . ? A BA 102 ? 1_555 O ? D HOH . ? A HOH 230 ? 1_555 67.0  ? 
9  O  ? D HOH . ? A HOH 218 ? 1_555 BA ? C BA . ? A BA 102 ? 1_555 O ? D HOH . ? A HOH 230 ? 1_555 77.7  ? 
10 O  ? D HOH . ? A HOH 228 ? 7_555 BA ? C BA . ? A BA 102 ? 1_555 O ? D HOH . ? A HOH 230 ? 1_555 132.3 ? 
11 O6 ? A DG  4 ? A DG  4   ? 1_555 BA ? C BA . ? A BA 102 ? 1_555 O ? D HOH . ? A HOH 241 ? 1_555 94.5  ? 
12 O  ? D HOH . ? A HOH 212 ? 1_555 BA ? C BA . ? A BA 102 ? 1_555 O ? D HOH . ? A HOH 241 ? 1_555 72.1  ? 
13 O  ? D HOH . ? A HOH 218 ? 1_555 BA ? C BA . ? A BA 102 ? 1_555 O ? D HOH . ? A HOH 241 ? 1_555 143.4 ? 
14 O  ? D HOH . ? A HOH 228 ? 7_555 BA ? C BA . ? A BA 102 ? 1_555 O ? D HOH . ? A HOH 241 ? 1_555 63.5  ? 
15 O  ? D HOH . ? A HOH 230 ? 1_555 BA ? C BA . ? A BA 102 ? 1_555 O ? D HOH . ? A HOH 241 ? 1_555 124.3 ? 
16 O6 ? A DG  4 ? A DG  4   ? 1_555 BA ? C BA . ? A BA 102 ? 1_555 O ? D HOH . ? A HOH 264 ? 1_555 130.5 ? 
17 O  ? D HOH . ? A HOH 212 ? 1_555 BA ? C BA . ? A BA 102 ? 1_555 O ? D HOH . ? A HOH 264 ? 1_555 95.9  ? 
18 O  ? D HOH . ? A HOH 218 ? 1_555 BA ? C BA . ? A BA 102 ? 1_555 O ? D HOH . ? A HOH 264 ? 1_555 82.5  ? 
19 O  ? D HOH . ? A HOH 228 ? 7_555 BA ? C BA . ? A BA 102 ? 1_555 O ? D HOH . ? A HOH 264 ? 1_555 67.6  ? 
20 O  ? D HOH . ? A HOH 230 ? 1_555 BA ? C BA . ? A BA 102 ? 1_555 O ? D HOH . ? A HOH 264 ? 1_555 68.0  ? 
21 O  ? D HOH . ? A HOH 241 ? 1_555 BA ? C BA . ? A BA 102 ? 1_555 O ? D HOH . ? A HOH 264 ? 1_555 80.7  ? 
# 
loop_
_struct_site.id 
_struct_site.pdbx_evidence_code 
_struct_site.pdbx_auth_asym_id 
_struct_site.pdbx_auth_comp_id 
_struct_site.pdbx_auth_seq_id 
_struct_site.pdbx_auth_ins_code 
_struct_site.pdbx_num_residues 
_struct_site.details 
AC1 Software A KSB 101 ? 15 'binding site for residue KSB A 101' 
AC2 Software A BA  102 ? 8  'binding site for residue BA A 102'  
# 
loop_
_struct_site_gen.id 
_struct_site_gen.site_id 
_struct_site_gen.pdbx_num_res 
_struct_site_gen.label_comp_id 
_struct_site_gen.label_asym_id 
_struct_site_gen.label_seq_id 
_struct_site_gen.pdbx_auth_ins_code 
_struct_site_gen.auth_comp_id 
_struct_site_gen.auth_asym_id 
_struct_site_gen.auth_seq_id 
_struct_site_gen.label_atom_id 
_struct_site_gen.label_alt_id 
_struct_site_gen.symmetry 
_struct_site_gen.details 
1  AC1 15 DT  A 1  ? DT  A 1   . ? 1_555 ? 
2  AC1 15 DC  A 2  ? DC  A 2   . ? 1_555 ? 
3  AC1 15 DG  A 3  ? DG  A 3   . ? 1_555 ? 
4  AC1 15 DG  A 3  ? DG  A 3   . ? 4_565 ? 
5  AC1 15 DG  A 4  ? DG  A 4   . ? 4_565 ? 
6  AC1 15 DC  A 5  ? DC  A 5   . ? 4_565 ? 
7  AC1 15 DC  A 7  ? DC  A 7   . ? 6_565 ? 
8  AC1 15 DC  A 8  ? DC  A 8   . ? 6_565 ? 
9  AC1 15 DG  A 9  ? DG  A 9   . ? 7_555 ? 
10 AC1 15 DA  A 10 ? DA  A 10  . ? 7_555 ? 
11 AC1 15 HOH D .  ? HOH A 202 . ? 7_555 ? 
12 AC1 15 HOH D .  ? HOH A 210 . ? 6_565 ? 
13 AC1 15 HOH D .  ? HOH A 211 . ? 7_555 ? 
14 AC1 15 HOH D .  ? HOH A 227 . ? 1_555 ? 
15 AC1 15 HOH D .  ? HOH A 232 . ? 1_555 ? 
16 AC2 8  DG  A 3  ? DG  A 3   . ? 1_555 ? 
17 AC2 8  DG  A 4  ? DG  A 4   . ? 1_555 ? 
18 AC2 8  HOH D .  ? HOH A 212 . ? 1_555 ? 
19 AC2 8  HOH D .  ? HOH A 218 . ? 1_555 ? 
20 AC2 8  HOH D .  ? HOH A 228 . ? 7_555 ? 
21 AC2 8  HOH D .  ? HOH A 230 . ? 1_555 ? 
22 AC2 8  HOH D .  ? HOH A 241 . ? 1_555 ? 
23 AC2 8  HOH D .  ? HOH A 264 . ? 1_555 ? 
# 
loop_
_chem_comp_atom.comp_id 
_chem_comp_atom.atom_id 
_chem_comp_atom.type_symbol 
_chem_comp_atom.pdbx_aromatic_flag 
_chem_comp_atom.pdbx_stereo_config 
_chem_comp_atom.pdbx_ordinal 
BA  BA     BA N N 1   
DA  OP3    O  N N 2   
DA  P      P  N N 3   
DA  OP1    O  N N 4   
DA  OP2    O  N N 5   
DA  "O5'"  O  N N 6   
DA  "C5'"  C  N N 7   
DA  "C4'"  C  N R 8   
DA  "O4'"  O  N N 9   
DA  "C3'"  C  N S 10  
DA  "O3'"  O  N N 11  
DA  "C2'"  C  N N 12  
DA  "C1'"  C  N R 13  
DA  N9     N  Y N 14  
DA  C8     C  Y N 15  
DA  N7     N  Y N 16  
DA  C5     C  Y N 17  
DA  C6     C  Y N 18  
DA  N6     N  N N 19  
DA  N1     N  Y N 20  
DA  C2     C  Y N 21  
DA  N3     N  Y N 22  
DA  C4     C  Y N 23  
DA  HOP3   H  N N 24  
DA  HOP2   H  N N 25  
DA  "H5'"  H  N N 26  
DA  "H5''" H  N N 27  
DA  "H4'"  H  N N 28  
DA  "H3'"  H  N N 29  
DA  "HO3'" H  N N 30  
DA  "H2'"  H  N N 31  
DA  "H2''" H  N N 32  
DA  "H1'"  H  N N 33  
DA  H8     H  N N 34  
DA  H61    H  N N 35  
DA  H62    H  N N 36  
DA  H2     H  N N 37  
DC  OP3    O  N N 38  
DC  P      P  N N 39  
DC  OP1    O  N N 40  
DC  OP2    O  N N 41  
DC  "O5'"  O  N N 42  
DC  "C5'"  C  N N 43  
DC  "C4'"  C  N R 44  
DC  "O4'"  O  N N 45  
DC  "C3'"  C  N S 46  
DC  "O3'"  O  N N 47  
DC  "C2'"  C  N N 48  
DC  "C1'"  C  N R 49  
DC  N1     N  N N 50  
DC  C2     C  N N 51  
DC  O2     O  N N 52  
DC  N3     N  N N 53  
DC  C4     C  N N 54  
DC  N4     N  N N 55  
DC  C5     C  N N 56  
DC  C6     C  N N 57  
DC  HOP3   H  N N 58  
DC  HOP2   H  N N 59  
DC  "H5'"  H  N N 60  
DC  "H5''" H  N N 61  
DC  "H4'"  H  N N 62  
DC  "H3'"  H  N N 63  
DC  "HO3'" H  N N 64  
DC  "H2'"  H  N N 65  
DC  "H2''" H  N N 66  
DC  "H1'"  H  N N 67  
DC  H41    H  N N 68  
DC  H42    H  N N 69  
DC  H5     H  N N 70  
DC  H6     H  N N 71  
DG  OP3    O  N N 72  
DG  P      P  N N 73  
DG  OP1    O  N N 74  
DG  OP2    O  N N 75  
DG  "O5'"  O  N N 76  
DG  "C5'"  C  N N 77  
DG  "C4'"  C  N R 78  
DG  "O4'"  O  N N 79  
DG  "C3'"  C  N S 80  
DG  "O3'"  O  N N 81  
DG  "C2'"  C  N N 82  
DG  "C1'"  C  N R 83  
DG  N9     N  Y N 84  
DG  C8     C  Y N 85  
DG  N7     N  Y N 86  
DG  C5     C  Y N 87  
DG  C6     C  N N 88  
DG  O6     O  N N 89  
DG  N1     N  N N 90  
DG  C2     C  N N 91  
DG  N2     N  N N 92  
DG  N3     N  N N 93  
DG  C4     C  Y N 94  
DG  HOP3   H  N N 95  
DG  HOP2   H  N N 96  
DG  "H5'"  H  N N 97  
DG  "H5''" H  N N 98  
DG  "H4'"  H  N N 99  
DG  "H3'"  H  N N 100 
DG  "HO3'" H  N N 101 
DG  "H2'"  H  N N 102 
DG  "H2''" H  N N 103 
DG  "H1'"  H  N N 104 
DG  H8     H  N N 105 
DG  H1     H  N N 106 
DG  H21    H  N N 107 
DG  H22    H  N N 108 
DT  OP3    O  N N 109 
DT  P      P  N N 110 
DT  OP1    O  N N 111 
DT  OP2    O  N N 112 
DT  "O5'"  O  N N 113 
DT  "C5'"  C  N N 114 
DT  "C4'"  C  N R 115 
DT  "O4'"  O  N N 116 
DT  "C3'"  C  N S 117 
DT  "O3'"  O  N N 118 
DT  "C2'"  C  N N 119 
DT  "C1'"  C  N R 120 
DT  N1     N  N N 121 
DT  C2     C  N N 122 
DT  O2     O  N N 123 
DT  N3     N  N N 124 
DT  C4     C  N N 125 
DT  O4     O  N N 126 
DT  C5     C  N N 127 
DT  C7     C  N N 128 
DT  C6     C  N N 129 
DT  HOP3   H  N N 130 
DT  HOP2   H  N N 131 
DT  "H5'"  H  N N 132 
DT  "H5''" H  N N 133 
DT  "H4'"  H  N N 134 
DT  "H3'"  H  N N 135 
DT  "HO3'" H  N N 136 
DT  "H2'"  H  N N 137 
DT  "H2''" H  N N 138 
DT  "H1'"  H  N N 139 
DT  H3     H  N N 140 
DT  H71    H  N N 141 
DT  H72    H  N N 142 
DT  H73    H  N N 143 
DT  H6     H  N N 144 
HOH O      O  N N 145 
HOH H1     H  N N 146 
HOH H2     H  N N 147 
KSB C1     C  Y N 148 
KSB C10    C  Y N 149 
KSB C11    C  Y N 150 
KSB C12    C  Y N 151 
KSB C13    C  Y N 152 
KSB C14    C  Y N 153 
KSB C15    C  Y N 154 
KSB C16    C  Y N 155 
KSB C17    C  Y N 156 
KSB C18    C  Y N 157 
KSB C19    C  Y N 158 
KSB C2     C  Y N 159 
KSB C20    C  Y N 160 
KSB C21    C  Y N 161 
KSB C22    C  Y N 162 
KSB C23    C  Y N 163 
KSB C24    C  Y N 164 
KSB C25    C  Y N 165 
KSB C26    C  Y N 166 
KSB C27    C  Y N 167 
KSB C28    C  Y N 168 
KSB C29    C  Y N 169 
KSB C3     C  Y N 170 
KSB C30    C  Y N 171 
KSB C31    C  Y N 172 
KSB C32    C  Y N 173 
KSB C33    C  Y N 174 
KSB C34    C  Y N 175 
KSB C35    C  Y N 176 
KSB C36    C  Y N 177 
KSB C37    C  Y N 178 
KSB C38    C  Y N 179 
KSB C39    C  N N 180 
KSB C4     C  Y N 181 
KSB C5     C  Y N 182 
KSB C6     C  Y N 183 
KSB C7     C  Y N 184 
KSB C8     C  Y N 185 
KSB C9     C  Y N 186 
KSB N1     N  Y N 187 
KSB N10    N  Y N 188 
KSB N11    N  Y N 189 
KSB N12    N  Y N 190 
KSB N2     N  Y N 191 
KSB N3     N  Y N 192 
KSB N4     N  Y N 193 
KSB N5     N  Y N 194 
KSB N6     N  Y N 195 
KSB N7     N  Y N 196 
KSB N74    N  N N 197 
KSB N8     N  Y N 198 
KSB N9     N  Y N 199 
KSB RU     RU N N 200 
KSB H1     H  N N 201 
KSB H2     H  N N 202 
KSB H3     H  N N 203 
KSB H4     H  N N 204 
KSB H5     H  N N 205 
KSB H6     H  N N 206 
KSB H7     H  N N 207 
KSB H8     H  N N 208 
KSB H9     H  N N 209 
KSB H10    H  N N 210 
KSB H11    H  N N 211 
KSB H12    H  N N 212 
KSB H13    H  N N 213 
KSB H14    H  N N 214 
KSB H15    H  N N 215 
KSB H16    H  N N 216 
KSB H17    H  N N 217 
KSB H18    H  N N 218 
KSB H19    H  N N 219 
KSB H20    H  N N 220 
KSB H21    H  N N 221 
# 
loop_
_chem_comp_bond.comp_id 
_chem_comp_bond.atom_id_1 
_chem_comp_bond.atom_id_2 
_chem_comp_bond.value_order 
_chem_comp_bond.pdbx_aromatic_flag 
_chem_comp_bond.pdbx_stereo_config 
_chem_comp_bond.pdbx_ordinal 
DA  OP3   P      sing N N 1   
DA  OP3   HOP3   sing N N 2   
DA  P     OP1    doub N N 3   
DA  P     OP2    sing N N 4   
DA  P     "O5'"  sing N N 5   
DA  OP2   HOP2   sing N N 6   
DA  "O5'" "C5'"  sing N N 7   
DA  "C5'" "C4'"  sing N N 8   
DA  "C5'" "H5'"  sing N N 9   
DA  "C5'" "H5''" sing N N 10  
DA  "C4'" "O4'"  sing N N 11  
DA  "C4'" "C3'"  sing N N 12  
DA  "C4'" "H4'"  sing N N 13  
DA  "O4'" "C1'"  sing N N 14  
DA  "C3'" "O3'"  sing N N 15  
DA  "C3'" "C2'"  sing N N 16  
DA  "C3'" "H3'"  sing N N 17  
DA  "O3'" "HO3'" sing N N 18  
DA  "C2'" "C1'"  sing N N 19  
DA  "C2'" "H2'"  sing N N 20  
DA  "C2'" "H2''" sing N N 21  
DA  "C1'" N9     sing N N 22  
DA  "C1'" "H1'"  sing N N 23  
DA  N9    C8     sing Y N 24  
DA  N9    C4     sing Y N 25  
DA  C8    N7     doub Y N 26  
DA  C8    H8     sing N N 27  
DA  N7    C5     sing Y N 28  
DA  C5    C6     sing Y N 29  
DA  C5    C4     doub Y N 30  
DA  C6    N6     sing N N 31  
DA  C6    N1     doub Y N 32  
DA  N6    H61    sing N N 33  
DA  N6    H62    sing N N 34  
DA  N1    C2     sing Y N 35  
DA  C2    N3     doub Y N 36  
DA  C2    H2     sing N N 37  
DA  N3    C4     sing Y N 38  
DC  OP3   P      sing N N 39  
DC  OP3   HOP3   sing N N 40  
DC  P     OP1    doub N N 41  
DC  P     OP2    sing N N 42  
DC  P     "O5'"  sing N N 43  
DC  OP2   HOP2   sing N N 44  
DC  "O5'" "C5'"  sing N N 45  
DC  "C5'" "C4'"  sing N N 46  
DC  "C5'" "H5'"  sing N N 47  
DC  "C5'" "H5''" sing N N 48  
DC  "C4'" "O4'"  sing N N 49  
DC  "C4'" "C3'"  sing N N 50  
DC  "C4'" "H4'"  sing N N 51  
DC  "O4'" "C1'"  sing N N 52  
DC  "C3'" "O3'"  sing N N 53  
DC  "C3'" "C2'"  sing N N 54  
DC  "C3'" "H3'"  sing N N 55  
DC  "O3'" "HO3'" sing N N 56  
DC  "C2'" "C1'"  sing N N 57  
DC  "C2'" "H2'"  sing N N 58  
DC  "C2'" "H2''" sing N N 59  
DC  "C1'" N1     sing N N 60  
DC  "C1'" "H1'"  sing N N 61  
DC  N1    C2     sing N N 62  
DC  N1    C6     sing N N 63  
DC  C2    O2     doub N N 64  
DC  C2    N3     sing N N 65  
DC  N3    C4     doub N N 66  
DC  C4    N4     sing N N 67  
DC  C4    C5     sing N N 68  
DC  N4    H41    sing N N 69  
DC  N4    H42    sing N N 70  
DC  C5    C6     doub N N 71  
DC  C5    H5     sing N N 72  
DC  C6    H6     sing N N 73  
DG  OP3   P      sing N N 74  
DG  OP3   HOP3   sing N N 75  
DG  P     OP1    doub N N 76  
DG  P     OP2    sing N N 77  
DG  P     "O5'"  sing N N 78  
DG  OP2   HOP2   sing N N 79  
DG  "O5'" "C5'"  sing N N 80  
DG  "C5'" "C4'"  sing N N 81  
DG  "C5'" "H5'"  sing N N 82  
DG  "C5'" "H5''" sing N N 83  
DG  "C4'" "O4'"  sing N N 84  
DG  "C4'" "C3'"  sing N N 85  
DG  "C4'" "H4'"  sing N N 86  
DG  "O4'" "C1'"  sing N N 87  
DG  "C3'" "O3'"  sing N N 88  
DG  "C3'" "C2'"  sing N N 89  
DG  "C3'" "H3'"  sing N N 90  
DG  "O3'" "HO3'" sing N N 91  
DG  "C2'" "C1'"  sing N N 92  
DG  "C2'" "H2'"  sing N N 93  
DG  "C2'" "H2''" sing N N 94  
DG  "C1'" N9     sing N N 95  
DG  "C1'" "H1'"  sing N N 96  
DG  N9    C8     sing Y N 97  
DG  N9    C4     sing Y N 98  
DG  C8    N7     doub Y N 99  
DG  C8    H8     sing N N 100 
DG  N7    C5     sing Y N 101 
DG  C5    C6     sing N N 102 
DG  C5    C4     doub Y N 103 
DG  C6    O6     doub N N 104 
DG  C6    N1     sing N N 105 
DG  N1    C2     sing N N 106 
DG  N1    H1     sing N N 107 
DG  C2    N2     sing N N 108 
DG  C2    N3     doub N N 109 
DG  N2    H21    sing N N 110 
DG  N2    H22    sing N N 111 
DG  N3    C4     sing N N 112 
DT  OP3   P      sing N N 113 
DT  OP3   HOP3   sing N N 114 
DT  P     OP1    doub N N 115 
DT  P     OP2    sing N N 116 
DT  P     "O5'"  sing N N 117 
DT  OP2   HOP2   sing N N 118 
DT  "O5'" "C5'"  sing N N 119 
DT  "C5'" "C4'"  sing N N 120 
DT  "C5'" "H5'"  sing N N 121 
DT  "C5'" "H5''" sing N N 122 
DT  "C4'" "O4'"  sing N N 123 
DT  "C4'" "C3'"  sing N N 124 
DT  "C4'" "H4'"  sing N N 125 
DT  "O4'" "C1'"  sing N N 126 
DT  "C3'" "O3'"  sing N N 127 
DT  "C3'" "C2'"  sing N N 128 
DT  "C3'" "H3'"  sing N N 129 
DT  "O3'" "HO3'" sing N N 130 
DT  "C2'" "C1'"  sing N N 131 
DT  "C2'" "H2'"  sing N N 132 
DT  "C2'" "H2''" sing N N 133 
DT  "C1'" N1     sing N N 134 
DT  "C1'" "H1'"  sing N N 135 
DT  N1    C2     sing N N 136 
DT  N1    C6     sing N N 137 
DT  C2    O2     doub N N 138 
DT  C2    N3     sing N N 139 
DT  N3    C4     sing N N 140 
DT  N3    H3     sing N N 141 
DT  C4    O4     doub N N 142 
DT  C4    C5     sing N N 143 
DT  C5    C7     sing N N 144 
DT  C5    C6     doub N N 145 
DT  C7    H71    sing N N 146 
DT  C7    H72    sing N N 147 
DT  C7    H73    sing N N 148 
DT  C6    H6     sing N N 149 
HOH O     H1     sing N N 150 
HOH O     H2     sing N N 151 
KSB N11   C35    doub Y N 152 
KSB N11   C37    sing Y N 153 
KSB C34   C35    sing Y N 154 
KSB C34   C33    doub Y N 155 
KSB C35   C36    sing Y N 156 
KSB C37   C38    doub Y N 157 
KSB C33   C32    sing Y N 158 
KSB C36   C29    sing Y N 159 
KSB C36   N12    doub Y N 160 
KSB C38   N12    sing Y N 161 
KSB C32   C29    doub Y N 162 
KSB C32   N10    sing Y N 163 
KSB N7    C27    doub Y N 164 
KSB N7    C25    sing Y N 165 
KSB C27   C28    sing Y N 166 
KSB C29   N9     sing Y N 167 
KSB N12   RU     sing N N 168 
KSB C25   C24    doub Y N 169 
KSB C25   C26    sing Y N 170 
KSB C24   C23    sing Y N 171 
KSB N10   C31    doub Y N 172 
KSB C28   N8     doub Y N 173 
KSB C26   N8     sing Y N 174 
KSB C26   C19    doub Y N 175 
KSB C23   C22    doub Y N 176 
KSB N8    RU     sing N N 177 
KSB N9    RU     sing N N 178 
KSB N9    C30    doub Y N 179 
KSB C19   C22    sing Y N 180 
KSB C19   N5     sing Y N 181 
KSB C22   N6     sing Y N 182 
KSB C31   C30    sing Y N 183 
KSB RU    N5     sing N N 184 
KSB RU    N2     sing N N 185 
KSB RU    N1     sing N N 186 
KSB N5    C20    doub Y N 187 
KSB N6    C21    doub Y N 188 
KSB C2    N2     doub Y N 189 
KSB C2    C3     sing Y N 190 
KSB C20   C21    sing Y N 191 
KSB N2    C1     sing Y N 192 
KSB C3    C4     doub Y N 193 
KSB N1    C12    doub Y N 194 
KSB N1    C10    sing Y N 195 
KSB C12   C11    sing Y N 196 
KSB C1    C10    doub Y N 197 
KSB C1    C5     sing Y N 198 
KSB C4    C5     sing Y N 199 
KSB C10   C8     sing Y N 200 
KSB C5    C6     doub Y N 201 
KSB C11   C9     doub Y N 202 
KSB C8    C9     sing Y N 203 
KSB C8    C7     doub Y N 204 
KSB C6    C7     sing Y N 205 
KSB C6    N3     sing Y N 206 
KSB C7    N4     sing Y N 207 
KSB N3    C15    doub Y N 208 
KSB N4    C13    doub Y N 209 
KSB C15   C13    sing Y N 210 
KSB C15   C16    sing Y N 211 
KSB C13   C14    sing Y N 212 
KSB C16   C17    doub Y N 213 
KSB C14   C18    doub Y N 214 
KSB C17   C18    sing Y N 215 
KSB C17   C39    sing N N 216 
KSB C39   N74    trip N N 217 
KSB C11   H1     sing N N 218 
KSB C12   H2     sing N N 219 
KSB C14   H3     sing N N 220 
KSB C16   H4     sing N N 221 
KSB C18   H5     sing N N 222 
KSB C2    H6     sing N N 223 
KSB C20   H7     sing N N 224 
KSB C21   H8     sing N N 225 
KSB C23   H9     sing N N 226 
KSB C24   H10    sing N N 227 
KSB C27   H11    sing N N 228 
KSB C28   H12    sing N N 229 
KSB C3    H13    sing N N 230 
KSB C30   H14    sing N N 231 
KSB C31   H15    sing N N 232 
KSB C33   H16    sing N N 233 
KSB C34   H17    sing N N 234 
KSB C37   H18    sing N N 235 
KSB C38   H19    sing N N 236 
KSB C4    H20    sing N N 237 
KSB C9    H21    sing N N 238 
# 
loop_
_ndb_struct_conf_na.entry_id 
_ndb_struct_conf_na.feature 
5NBE 'double helix'        
5NBE 'b-form double helix' 
# 
loop_
_ndb_struct_na_base_pair.model_number 
_ndb_struct_na_base_pair.i_label_asym_id 
_ndb_struct_na_base_pair.i_label_comp_id 
_ndb_struct_na_base_pair.i_label_seq_id 
_ndb_struct_na_base_pair.i_symmetry 
_ndb_struct_na_base_pair.j_label_asym_id 
_ndb_struct_na_base_pair.j_label_comp_id 
_ndb_struct_na_base_pair.j_label_seq_id 
_ndb_struct_na_base_pair.j_symmetry 
_ndb_struct_na_base_pair.shear 
_ndb_struct_na_base_pair.stretch 
_ndb_struct_na_base_pair.stagger 
_ndb_struct_na_base_pair.buckle 
_ndb_struct_na_base_pair.propeller 
_ndb_struct_na_base_pair.opening 
_ndb_struct_na_base_pair.pair_number 
_ndb_struct_na_base_pair.pair_name 
_ndb_struct_na_base_pair.i_auth_asym_id 
_ndb_struct_na_base_pair.i_auth_seq_id 
_ndb_struct_na_base_pair.i_PDB_ins_code 
_ndb_struct_na_base_pair.j_auth_asym_id 
_ndb_struct_na_base_pair.j_auth_seq_id 
_ndb_struct_na_base_pair.j_PDB_ins_code 
_ndb_struct_na_base_pair.hbond_type_28 
_ndb_struct_na_base_pair.hbond_type_12 
1 A DT 1  1_555 A DA 10 7_555 0.199  -0.133 -0.134 -10.023 24.450 9.545  1  A_DT1:DA10_A A 1  ? A 10 ? 20 1 
1 A DC 2  1_555 A DG 9  7_555 0.083  -0.109 -0.030 -7.398  3.103  -0.326 2  A_DC2:DG9_A  A 2  ? A 9  ? 19 1 
1 A DG 3  1_555 A DC 8  7_555 -0.232 -0.015 0.250  24.774  -5.128 0.087  3  A_DG3:DC8_A  A 3  ? A 8  ? 19 1 
1 A DG 4  1_555 A DC 7  7_555 -0.172 -0.099 -0.173 -6.321  5.278  -1.194 4  A_DG4:DC7_A  A 4  ? A 7  ? 19 1 
1 A DC 5  1_555 A DG 6  7_555 0.250  -0.102 -0.109 14.490  -7.719 -0.253 5  A_DC5:DG6_A  A 5  ? A 6  ? 19 1 
1 A DG 6  1_555 A DC 5  7_555 -0.250 -0.102 -0.109 -14.490 -7.719 -0.253 6  A_DG6:DC5_A  A 6  ? A 5  ? 19 1 
1 A DC 7  1_555 A DG 4  7_555 0.172  -0.099 -0.173 6.321   5.278  -1.194 7  A_DC7:DG4_A  A 7  ? A 4  ? 19 1 
1 A DC 8  1_555 A DG 3  7_555 0.232  -0.015 0.250  -24.774 -5.128 0.087  8  A_DC8:DG3_A  A 8  ? A 3  ? 19 1 
1 A DG 9  1_555 A DC 2  7_555 -0.083 -0.109 -0.030 7.398   3.103  -0.326 9  A_DG9:DC2_A  A 9  ? A 2  ? 19 1 
1 A DA 10 1_555 A DT 1  7_555 -0.199 -0.133 -0.134 10.023  24.450 9.545  10 A_DA10:DT1_A A 10 ? A 1  ? 20 1 
# 
loop_
_ndb_struct_na_base_pair_step.model_number 
_ndb_struct_na_base_pair_step.i_label_asym_id_1 
_ndb_struct_na_base_pair_step.i_label_comp_id_1 
_ndb_struct_na_base_pair_step.i_label_seq_id_1 
_ndb_struct_na_base_pair_step.i_symmetry_1 
_ndb_struct_na_base_pair_step.j_label_asym_id_1 
_ndb_struct_na_base_pair_step.j_label_comp_id_1 
_ndb_struct_na_base_pair_step.j_label_seq_id_1 
_ndb_struct_na_base_pair_step.j_symmetry_1 
_ndb_struct_na_base_pair_step.i_label_asym_id_2 
_ndb_struct_na_base_pair_step.i_label_comp_id_2 
_ndb_struct_na_base_pair_step.i_label_seq_id_2 
_ndb_struct_na_base_pair_step.i_symmetry_2 
_ndb_struct_na_base_pair_step.j_label_asym_id_2 
_ndb_struct_na_base_pair_step.j_label_comp_id_2 
_ndb_struct_na_base_pair_step.j_label_seq_id_2 
_ndb_struct_na_base_pair_step.j_symmetry_2 
_ndb_struct_na_base_pair_step.shift 
_ndb_struct_na_base_pair_step.slide 
_ndb_struct_na_base_pair_step.rise 
_ndb_struct_na_base_pair_step.tilt 
_ndb_struct_na_base_pair_step.roll 
_ndb_struct_na_base_pair_step.twist 
_ndb_struct_na_base_pair_step.x_displacement 
_ndb_struct_na_base_pair_step.y_displacement 
_ndb_struct_na_base_pair_step.helical_rise 
_ndb_struct_na_base_pair_step.inclination 
_ndb_struct_na_base_pair_step.tip 
_ndb_struct_na_base_pair_step.helical_twist 
_ndb_struct_na_base_pair_step.step_number 
_ndb_struct_na_base_pair_step.step_name 
_ndb_struct_na_base_pair_step.i_auth_asym_id_1 
_ndb_struct_na_base_pair_step.i_auth_seq_id_1 
_ndb_struct_na_base_pair_step.i_PDB_ins_code_1 
_ndb_struct_na_base_pair_step.j_auth_asym_id_1 
_ndb_struct_na_base_pair_step.j_auth_seq_id_1 
_ndb_struct_na_base_pair_step.j_PDB_ins_code_1 
_ndb_struct_na_base_pair_step.i_auth_asym_id_2 
_ndb_struct_na_base_pair_step.i_auth_seq_id_2 
_ndb_struct_na_base_pair_step.i_PDB_ins_code_2 
_ndb_struct_na_base_pair_step.j_auth_asym_id_2 
_ndb_struct_na_base_pair_step.j_auth_seq_id_2 
_ndb_struct_na_base_pair_step.j_PDB_ins_code_2 
1 A DT 1 1_555 A DA 10 7_555 A DC 2  1_555 A DG 9 7_555 -1.837 0.467 6.890 10.574  -19.062 24.517 7.360  6.886  4.344 -36.908 
-20.472 32.695 1 AA_DT1DC2:DG9DA10_AA A 1 ? A 10 ? A 2  ? A 9 ? 
1 A DC 2 1_555 A DG 9  7_555 A DG 3  1_555 A DC 8 7_555 -0.052 1.485 2.729 -0.923  5.263   22.461 2.081  -0.157 2.993 13.271  
2.328   23.080 2 AA_DC2DG3:DC8DG9_AA  A 2 ? A 9  ? A 3  ? A 8 ? 
1 A DG 3 1_555 A DC 8  7_555 A DG 4  1_555 A DC 7 7_555 -0.091 0.820 5.128 -0.029  48.809  19.140 -5.043 0.100  2.697 69.876  
0.041   52.213 3 AA_DG3DG4:DC7DC8_AA  A 3 ? A 8  ? A 4  ? A 7 ? 
1 A DG 4 1_555 A DC 7  7_555 A DC 5  1_555 A DG 6 7_555 -0.695 0.304 2.903 0.162   -1.984  34.466 0.784  1.194  2.879 -3.345  
-0.273  34.522 4 AA_DG4DC5:DG6DC7_AA  A 4 ? A 7  ? A 5  ? A 6 ? 
1 A DC 5 1_555 A DG 6  7_555 A DG 6  1_555 A DC 5 7_555 0.000  1.402 5.187 0.000   49.382  13.634 -5.332 0.000  2.775 75.524  
0.000   51.116 5 AA_DC5DG6:DC5DG6_AA  A 5 ? A 6  ? A 6  ? A 5 ? 
1 A DG 6 1_555 A DC 5  7_555 A DC 7  1_555 A DG 4 7_555 0.695  0.304 2.903 -0.162  -1.984  34.466 0.784  -1.194 2.879 -3.345  
0.273   34.522 6 AA_DG6DC7:DG4DC5_AA  A 6 ? A 5  ? A 7  ? A 4 ? 
1 A DC 7 1_555 A DG 4  7_555 A DC 8  1_555 A DG 3 7_555 0.091  0.820 5.128 0.029   48.809  19.140 -5.043 -0.100 2.697 69.876  
-0.041  52.213 7 AA_DC7DC8:DG3DG4_AA  A 7 ? A 4  ? A 8  ? A 3 ? 
1 A DC 8 1_555 A DG 3  7_555 A DG 9  1_555 A DC 2 7_555 0.052  1.485 2.729 0.923   5.263   22.461 2.081  0.157  2.993 13.271  
-2.328  23.080 8 AA_DC8DG9:DC2DG3_AA  A 8 ? A 3  ? A 9  ? A 2 ? 
1 A DG 9 1_555 A DC 2  7_555 A DA 10 1_555 A DT 1 7_555 1.837  0.467 6.890 -10.574 -19.062 24.517 7.360  -6.886 4.344 -36.908 
20.472  32.695 9 AA_DG9DA10:DT1DC2_AA A 9 ? A 2  ? A 10 ? A 1 ? 
# 
loop_
_pdbx_audit_support.funding_organization 
_pdbx_audit_support.country 
_pdbx_audit_support.grant_number 
_pdbx_audit_support.ordinal 
'Biotechnology and Biological Sciences Research Council' 'United Kingdom' BB/K019279/1 1 
'Biotechnology and Biological Sciences Research Council' 'United Kingdom' BB/M004635/1 2 
# 
_atom_sites.entry_id                    5NBE 
_atom_sites.fract_transf_matrix[1][1]   -0.01317838 
_atom_sites.fract_transf_matrix[1][2]   0.00093109 
_atom_sites.fract_transf_matrix[1][3]   -0.01617679 
_atom_sites.fract_transf_matrix[2][1]   -0.01482790 
_atom_sites.fract_transf_matrix[2][2]   0.00771486 
_atom_sites.fract_transf_matrix[2][3]   0.01252355 
_atom_sites.fract_transf_matrix[3][1]   0.01073522 
_atom_sites.fract_transf_matrix[3][2]   0.03185334 
_atom_sites.fract_transf_matrix[3][3]   -0.00691204 
_atom_sites.fract_transf_vector[1]      0.799135 
_atom_sites.fract_transf_vector[2]      0.720780 
_atom_sites.fract_transf_vector[3]      0.017874 
# 
loop_
_atom_type.symbol 
BA 
C  
N  
O  
P  
RU 
# 
loop_
_atom_site.group_PDB 
_atom_site.id 
_atom_site.type_symbol 
_atom_site.label_atom_id 
_atom_site.label_alt_id 
_atom_site.label_comp_id 
_atom_site.label_asym_id 
_atom_site.label_entity_id 
_atom_site.label_seq_id 
_atom_site.pdbx_PDB_ins_code 
_atom_site.Cartn_x 
_atom_site.Cartn_y 
_atom_site.Cartn_z 
_atom_site.occupancy 
_atom_site.B_iso_or_equiv 
_atom_site.pdbx_formal_charge 
_atom_site.auth_seq_id 
_atom_site.auth_comp_id 
_atom_site.auth_asym_id 
_atom_site.auth_atom_id 
_atom_site.pdbx_PDB_model_num 
ATOM   1   O  "O5'" . DT  A 1 1  ? -6.702 14.750  -5.576  1.00 45.21 ? 1   DT  A "O5'" 1 
ATOM   2   C  "C5'" . DT  A 1 1  ? -5.979 13.848  -4.718  1.00 40.39 ? 1   DT  A "C5'" 1 
ATOM   3   C  "C4'" . DT  A 1 1  ? -5.313 12.766  -5.538  1.00 38.59 ? 1   DT  A "C4'" 1 
ATOM   4   O  "O4'" . DT  A 1 1  ? -4.282 13.363  -6.369  1.00 37.48 ? 1   DT  A "O4'" 1 
ATOM   5   C  "C3'" . DT  A 1 1  ? -4.607 11.696  -4.698  1.00 35.67 ? 1   DT  A "C3'" 1 
ATOM   6   O  "O3'" . DT  A 1 1  ? -4.557 10.392  -5.306  1.00 33.47 ? 1   DT  A "O3'" 1 
ATOM   7   C  "C2'" . DT  A 1 1  ? -3.174 12.184  -4.688  1.00 34.77 ? 1   DT  A "C2'" 1 
ATOM   8   C  "C1'" . DT  A 1 1  ? -3.066 12.683  -6.117  1.00 36.14 ? 1   DT  A "C1'" 1 
ATOM   9   N  N1    . DT  A 1 1  ? -1.946 13.611  -6.363  1.00 36.91 ? 1   DT  A N1    1 
ATOM   10  C  C2    . DT  A 1 1  ? -0.997 13.226  -7.282  1.00 35.04 ? 1   DT  A C2    1 
ATOM   11  O  O2    . DT  A 1 1  ? -1.082 12.202  -7.934  1.00 28.00 ? 1   DT  A O2    1 
ATOM   12  N  N3    . DT  A 1 1  ? 0.040  14.112  -7.442  1.00 34.95 ? 1   DT  A N3    1 
ATOM   13  C  C4    . DT  A 1 1  ? 0.217  15.316  -6.787  1.00 37.80 ? 1   DT  A C4    1 
ATOM   14  O  O4    . DT  A 1 1  ? 1.202  16.006  -7.034  1.00 36.86 ? 1   DT  A O4    1 
ATOM   15  C  C5    . DT  A 1 1  ? -0.815 15.656  -5.832  1.00 38.52 ? 1   DT  A C5    1 
ATOM   16  C  C7    . DT  A 1 1  ? -0.701 16.937  -5.067  1.00 40.59 ? 1   DT  A C7    1 
ATOM   17  C  C6    . DT  A 1 1  ? -1.829 14.796  -5.667  1.00 39.40 ? 1   DT  A C6    1 
ATOM   18  P  P     . DC  A 1 2  ? -5.822 9.387   -5.317  1.00 31.23 ? 2   DC  A P     1 
ATOM   19  O  OP1   . DC  A 1 2  ? -6.634 9.679   -6.523  1.00 33.69 ? 2   DC  A OP1   1 
ATOM   20  O  OP2   . DC  A 1 2  ? -6.463 9.396   -3.983  1.00 30.19 ? 2   DC  A OP2   1 
ATOM   21  O  "O5'" . DC  A 1 2  ? -5.106 7.986   -5.545  1.00 27.75 ? 2   DC  A "O5'" 1 
ATOM   22  C  "C5'" . DC  A 1 2  ? -4.616 7.226   -4.427  1.00 24.96 ? 2   DC  A "C5'" 1 
ATOM   23  C  "C4'" . DC  A 1 2  ? -3.951 5.987   -4.966  1.00 23.31 ? 2   DC  A "C4'" 1 
ATOM   24  O  "O4'" . DC  A 1 2  ? -2.739 6.374   -5.628  1.00 22.17 ? 2   DC  A "O4'" 1 
ATOM   25  C  "C3'" . DC  A 1 2  ? -3.548 4.939   -3.944  1.00 21.28 ? 2   DC  A "C3'" 1 
ATOM   26  O  "O3'" . DC  A 1 2  ? -4.621 4.003   -3.948  1.00 21.56 ? 2   DC  A "O3'" 1 
ATOM   27  C  "C2'" . DC  A 1 2  ? -2.283 4.341   -4.528  1.00 20.19 ? 2   DC  A "C2'" 1 
ATOM   28  C  "C1'" . DC  A 1 2  ? -1.743 5.387   -5.495  1.00 20.11 ? 2   DC  A "C1'" 1 
ATOM   29  N  N1    . DC  A 1 2  ? -0.520 6.068   -5.060  1.00 19.19 ? 2   DC  A N1    1 
ATOM   30  C  C2    . DC  A 1 2  ? 0.554  6.186   -5.952  1.00 19.52 ? 2   DC  A C2    1 
ATOM   31  O  O2    . DC  A 1 2  ? 0.457  5.683   -7.083  1.00 18.55 ? 2   DC  A O2    1 
ATOM   32  N  N3    . DC  A 1 2  ? 1.669  6.845   -5.558  1.00 19.42 ? 2   DC  A N3    1 
ATOM   33  C  C4    . DC  A 1 2  ? 1.738  7.365   -4.327  1.00 19.89 ? 2   DC  A C4    1 
ATOM   34  N  N4    . DC  A 1 2  ? 2.856  7.999   -3.976  1.00 20.38 ? 2   DC  A N4    1 
ATOM   35  C  C5    . DC  A 1 2  ? 0.665  7.243   -3.396  1.00 19.18 ? 2   DC  A C5    1 
ATOM   36  C  C6    . DC  A 1 2  ? -0.436 6.598   -3.802  1.00 19.18 ? 2   DC  A C6    1 
ATOM   37  P  P     . DG  A 1 3  ? -4.633 2.720   -2.973  1.00 23.51 ? 3   DG  A P     1 
ATOM   38  O  OP1   . DG  A 1 3  ? -6.046 2.235   -2.941  1.00 24.36 ? 3   DG  A OP1   1 
ATOM   39  O  OP2   . DG  A 1 3  ? -3.926 3.089   -1.723  1.00 21.10 ? 3   DG  A OP2   1 
ATOM   40  O  "O5'" . DG  A 1 3  ? -3.748 1.636   -3.737  1.00 22.12 ? 3   DG  A "O5'" 1 
ATOM   41  C  "C5'" . DG  A 1 3  ? -4.228 1.031   -4.954  1.00 22.33 ? 3   DG  A "C5'" 1 
ATOM   42  C  "C4'" . DG  A 1 3  ? -3.124 0.233   -5.611  1.00 22.65 ? 3   DG  A "C4'" 1 
ATOM   43  O  "O4'" . DG  A 1 3  ? -2.093 1.136   -6.057  1.00 22.33 ? 3   DG  A "O4'" 1 
ATOM   44  C  "C3'" . DG  A 1 3  ? -2.415 -0.762  -4.704  1.00 23.62 ? 3   DG  A "C3'" 1 
ATOM   45  O  "O3'" . DG  A 1 3  ? -3.119 -2.007  -4.757  1.00 25.42 ? 3   DG  A "O3'" 1 
ATOM   46  C  "C2'" . DG  A 1 3  ? -1.016 -0.830  -5.290  1.00 22.43 ? 3   DG  A "C2'" 1 
ATOM   47  C  "C1'" . DG  A 1 3  ? -0.800 0.554   -5.875  1.00 21.73 ? 3   DG  A "C1'" 1 
ATOM   48  N  N9    . DG  A 1 3  ? -0.030 1.459   -5.032  1.00 20.39 ? 3   DG  A N9    1 
ATOM   49  C  C8    . DG  A 1 3  ? -0.274 1.749   -3.711  1.00 20.04 ? 3   DG  A C8    1 
ATOM   50  N  N7    . DG  A 1 3  ? 0.565  2.619   -3.215  1.00 19.85 ? 3   DG  A N7    1 
ATOM   51  C  C5    . DG  A 1 3  ? 1.403  2.932   -4.277  1.00 18.95 ? 3   DG  A C5    1 
ATOM   52  C  C6    . DG  A 1 3  ? 2.507  3.818   -4.343  1.00 19.35 ? 3   DG  A C6    1 
ATOM   53  O  O6    . DG  A 1 3  ? 2.974  4.533   -3.452  1.00 17.95 ? 3   DG  A O6    1 
ATOM   54  N  N1    . DG  A 1 3  ? 3.082  3.827   -5.611  1.00 17.88 ? 3   DG  A N1    1 
ATOM   55  C  C2    . DG  A 1 3  ? 2.655  3.074   -6.678  1.00 18.12 ? 3   DG  A C2    1 
ATOM   56  N  N2    . DG  A 1 3  ? 3.353  3.207   -7.817  1.00 17.77 ? 3   DG  A N2    1 
ATOM   57  N  N3    . DG  A 1 3  ? 1.625  2.245   -6.629  1.00 18.05 ? 3   DG  A N3    1 
ATOM   58  C  C4    . DG  A 1 3  ? 1.039  2.238   -5.411  1.00 19.70 ? 3   DG  A C4    1 
ATOM   59  P  P     . DG  A 1 4  ? -3.175 -2.952  -3.475  1.00 27.37 ? 4   DG  A P     1 
ATOM   60  O  OP1   . DG  A 1 4  ? -4.133 -4.049  -3.764  1.00 30.84 ? 4   DG  A OP1   1 
ATOM   61  O  OP2   . DG  A 1 4  ? -3.348 -2.128  -2.264  1.00 29.27 ? 4   DG  A OP2   1 
ATOM   62  O  "O5'" . DG  A 1 4  ? -1.700 -3.555  -3.392  1.00 24.89 ? 4   DG  A "O5'" 1 
ATOM   63  C  "C5'" . DG  A 1 4  ? -1.199 -4.388  -4.444  1.00 24.45 ? 4   DG  A "C5'" 1 
ATOM   64  C  "C4'" . DG  A 1 4  ? 0.153  -4.945  -4.071  1.00 24.30 ? 4   DG  A "C4'" 1 
ATOM   65  O  "O4'" . DG  A 1 4  ? 1.099  -3.868  -3.867  1.00 23.93 ? 4   DG  A "O4'" 1 
ATOM   66  C  "C3'" . DG  A 1 4  ? 0.171  -5.758  -2.783  1.00 24.49 ? 4   DG  A "C3'" 1 
ATOM   67  O  "O3'" . DG  A 1 4  ? 1.166  -6.761  -2.982  1.00 28.82 ? 4   DG  A "O3'" 1 
ATOM   68  C  "C2'" . DG  A 1 4  ? 0.589  -4.745  -1.738  1.00 23.20 ? 4   DG  A "C2'" 1 
ATOM   69  C  "C1'" . DG  A 1 4  ? 1.557  -3.858  -2.520  1.00 21.97 ? 4   DG  A "C1'" 1 
ATOM   70  N  N9    . DG  A 1 4  ? 1.632  -2.467  -2.090  1.00 20.34 ? 4   DG  A N9    1 
ATOM   71  C  C8    . DG  A 1 4  ? 0.582  -1.654  -1.735  1.00 20.86 ? 4   DG  A C8    1 
ATOM   72  N  N7    . DG  A 1 4  ? 0.951  -0.440  -1.441  1.00 20.40 ? 4   DG  A N7    1 
ATOM   73  C  C5    . DG  A 1 4  ? 2.326  -0.442  -1.633  1.00 19.22 ? 4   DG  A C5    1 
ATOM   74  C  C6    . DG  A 1 4  ? 3.277  0.598   -1.462  1.00 19.13 ? 4   DG  A C6    1 
ATOM   75  O  O6    . DG  A 1 4  ? 3.080  1.771   -1.114  1.00 20.24 ? 4   DG  A O6    1 
ATOM   76  N  N1    . DG  A 1 4  ? 4.568  0.167   -1.761  1.00 18.60 ? 4   DG  A N1    1 
ATOM   77  C  C2    . DG  A 1 4  ? 4.899  -1.103  -2.168  1.00 18.94 ? 4   DG  A C2    1 
ATOM   78  N  N2    . DG  A 1 4  ? 6.195  -1.326  -2.430  1.00 17.69 ? 4   DG  A N2    1 
ATOM   79  N  N3    . DG  A 1 4  ? 4.019  -2.082  -2.329  1.00 18.84 ? 4   DG  A N3    1 
ATOM   80  C  C4    . DG  A 1 4  ? 2.760  -1.680  -2.051  1.00 20.62 ? 4   DG  A C4    1 
ATOM   81  P  P     . DC  A 1 5  ? 1.155  -8.117  -2.161  1.00 31.87 ? 5   DC  A P     1 
ATOM   82  O  OP1   . DC  A 1 5  ? 1.070  -9.229  -3.151  1.00 32.18 ? 5   DC  A OP1   1 
ATOM   83  O  OP2   . DC  A 1 5  ? 0.193  -8.012  -1.036  1.00 30.85 ? 5   DC  A OP2   1 
ATOM   84  O  "O5'" . DC  A 1 5  ? 2.595  -8.098  -1.489  1.00 28.20 ? 5   DC  A "O5'" 1 
ATOM   85  C  "C5'" . DC  A 1 5  ? 3.763  -8.250  -2.307  1.00 25.92 ? 5   DC  A "C5'" 1 
ATOM   86  C  "C4'" . DC  A 1 5  ? 5.000  -7.898  -1.519  1.00 23.64 ? 5   DC  A "C4'" 1 
ATOM   87  O  "O4'" . DC  A 1 5  ? 5.157  -6.467  -1.515  1.00 21.97 ? 5   DC  A "O4'" 1 
ATOM   88  C  "C3'" . DC  A 1 5  ? 4.990  -8.295  -0.047  1.00 24.62 ? 5   DC  A "C3'" 1 
ATOM   89  O  "O3'" . DC  A 1 5  ? 5.506  -9.622  0.059   1.00 25.38 ? 5   DC  A "O3'" 1 
ATOM   90  C  "C2'" . DC  A 1 5  ? 5.918  -7.272  0.582   1.00 22.82 ? 5   DC  A "C2'" 1 
ATOM   91  C  "C1'" . DC  A 1 5  ? 5.844  -6.055  -0.344  1.00 22.59 ? 5   DC  A "C1'" 1 
ATOM   92  N  N1    . DC  A 1 5  ? 5.118  -4.895  0.203   1.00 21.07 ? 5   DC  A N1    1 
ATOM   93  C  C2    . DC  A 1 5  ? 5.743  -3.640  0.221   1.00 21.52 ? 5   DC  A C2    1 
ATOM   94  O  O2    . DC  A 1 5  ? 6.906  -3.541  -0.196  1.00 23.51 ? 5   DC  A O2    1 
ATOM   95  N  N3    . DC  A 1 5  ? 5.069  -2.574  0.707   1.00 20.45 ? 5   DC  A N3    1 
ATOM   96  C  C4    . DC  A 1 5  ? 3.808  -2.714  1.123   1.00 21.06 ? 5   DC  A C4    1 
ATOM   97  N  N4    . DC  A 1 5  ? 3.177  -1.631  1.576   1.00 22.12 ? 5   DC  A N4    1 
ATOM   98  C  C5    . DC  A 1 5  ? 3.144  -3.977  1.104   1.00 20.92 ? 5   DC  A C5    1 
ATOM   99  C  C6    . DC  A 1 5  ? 3.826  -5.028  0.629   1.00 21.92 ? 5   DC  A C6    1 
ATOM   100 P  P     . DG  A 1 6  ? 4.928  -10.651 1.156   1.00 28.56 ? 6   DG  A P     1 
ATOM   101 O  OP1   . DG  A 1 6  ? 5.525  -11.979 0.854   1.00 31.71 ? 6   DG  A OP1   1 
ATOM   102 O  OP2   . DG  A 1 6  ? 3.459  -10.487 1.238   1.00 29.67 ? 6   DG  A OP2   1 
ATOM   103 O  "O5'" . DG  A 1 6  ? 5.569  -10.122 2.509   1.00 26.33 ? 6   DG  A "O5'" 1 
ATOM   104 C  "C5'" . DG  A 1 6  ? 6.984  -10.181 2.698   1.00 26.54 ? 6   DG  A "C5'" 1 
ATOM   105 C  "C4'" . DG  A 1 6  ? 7.322  -9.789  4.116   1.00 25.31 ? 6   DG  A "C4'" 1 
ATOM   106 O  "O4'" . DG  A 1 6  ? 6.924  -8.418  4.334   1.00 25.21 ? 6   DG  A "O4'" 1 
ATOM   107 C  "C3'" . DG  A 1 6  ? 6.616  -10.613 5.195   1.00 25.35 ? 6   DG  A "C3'" 1 
ATOM   108 O  "O3'" . DG  A 1 6  ? 7.566  -10.923 6.220   1.00 26.13 ? 6   DG  A "O3'" 1 
ATOM   109 C  "C2'" . DG  A 1 6  ? 5.482  -9.713  5.661   1.00 23.99 ? 6   DG  A "C2'" 1 
ATOM   110 C  "C1'" . DG  A 1 6  ? 6.041  -8.320  5.443   1.00 22.42 ? 6   DG  A "C1'" 1 
ATOM   111 N  N9    . DG  A 1 6  ? 5.076  -7.265  5.135   1.00 20.70 ? 6   DG  A N9    1 
ATOM   112 C  C8    . DG  A 1 6  ? 3.939  -7.359  4.368   1.00 20.46 ? 6   DG  A C8    1 
ATOM   113 N  N7    . DG  A 1 6  ? 3.312  -6.221  4.239   1.00 20.37 ? 6   DG  A N7    1 
ATOM   114 C  C5    . DG  A 1 6  ? 4.100  -5.314  4.934   1.00 18.74 ? 6   DG  A C5    1 
ATOM   115 C  C6    . DG  A 1 6  ? 3.940  -3.917  5.132   1.00 18.58 ? 6   DG  A C6    1 
ATOM   116 O  O6    . DG  A 1 6  ? 3.026  -3.187  4.742   1.00 19.33 ? 6   DG  A O6    1 
ATOM   117 N  N1    . DG  A 1 6  ? 4.962  -3.389  5.914   1.00 18.51 ? 6   DG  A N1    1 
ATOM   118 C  C2    . DG  A 1 6  ? 6.026  -4.104  6.414   1.00 20.08 ? 6   DG  A C2    1 
ATOM   119 N  N2    . DG  A 1 6  ? 6.925  -3.408  7.126   1.00 19.56 ? 6   DG  A N2    1 
ATOM   120 N  N3    . DG  A 1 6  ? 6.198  -5.403  6.221   1.00 20.09 ? 6   DG  A N3    1 
ATOM   121 C  C4    . DG  A 1 6  ? 5.204  -5.941  5.478   1.00 19.47 ? 6   DG  A C4    1 
ATOM   122 P  P     . DC  A 1 7  ? 7.182  -11.930 7.415   1.00 27.45 ? 7   DC  A P     1 
ATOM   123 O  OP1   . DC  A 1 7  ? 8.440  -12.594 7.856   1.00 28.73 ? 7   DC  A OP1   1 
ATOM   124 O  OP2   . DC  A 1 7  ? 5.990  -12.706 7.022   1.00 28.48 ? 7   DC  A OP2   1 
ATOM   125 O  "O5'" . DC  A 1 7  ? 6.720  -10.947 8.580   1.00 25.68 ? 7   DC  A "O5'" 1 
ATOM   126 C  "C5'" . DC  A 1 7  ? 7.689  -10.106 9.210   1.00 24.98 ? 7   DC  A "C5'" 1 
ATOM   127 C  "C4'" . DC  A 1 7  ? 7.007  -9.082  10.085  1.00 23.44 ? 7   DC  A "C4'" 1 
ATOM   128 O  "O4'" . DC  A 1 7  ? 6.470  -8.019  9.278   1.00 22.56 ? 7   DC  A "O4'" 1 
ATOM   129 C  "C3'" . DC  A 1 7  ? 5.809  -9.576  10.881  1.00 22.80 ? 7   DC  A "C3'" 1 
ATOM   130 O  "O3'" . DC  A 1 7  ? 6.258  -10.314 12.030  1.00 23.29 ? 7   DC  A "O3'" 1 
ATOM   131 C  "C2'" . DC  A 1 7  ? 5.126  -8.265  11.229  1.00 22.26 ? 7   DC  A "C2'" 1 
ATOM   132 C  "C1'" . DC  A 1 7  ? 5.535  -7.319  10.088  1.00 21.58 ? 7   DC  A "C1'" 1 
ATOM   133 N  N1    . DC  A 1 7  ? 4.407  -6.913  9.236   1.00 20.47 ? 7   DC  A N1    1 
ATOM   134 C  C2    . DC  A 1 7  ? 4.155  -5.547  9.056   1.00 18.98 ? 7   DC  A C2    1 
ATOM   135 O  O2    . DC  A 1 7  ? 4.910  -4.718  9.592   1.00 18.80 ? 7   DC  A O2    1 
ATOM   136 N  N3    . DC  A 1 7  ? 3.091  -5.166  8.308   1.00 18.95 ? 7   DC  A N3    1 
ATOM   137 C  C4    . DC  A 1 7  ? 2.319  -6.088  7.728   1.00 19.66 ? 7   DC  A C4    1 
ATOM   138 N  N4    . DC  A 1 7  ? 1.284  -5.665  6.996   1.00 19.73 ? 7   DC  A N4    1 
ATOM   139 C  C5    . DC  A 1 7  ? 2.563  -7.483  7.884   1.00 20.43 ? 7   DC  A C5    1 
ATOM   140 C  C6    . DC  A 1 7  ? 3.611  -7.847  8.634   1.00 20.13 ? 7   DC  A C6    1 
ATOM   141 P  P     . DC  A 1 8  ? 5.383  -11.496 12.656  1.00 24.84 ? 8   DC  A P     1 
ATOM   142 O  OP1   . DC  A 1 8  ? 6.297  -12.328 13.500  1.00 26.16 ? 8   DC  A OP1   1 
ATOM   143 O  OP2   . DC  A 1 8  ? 4.532  -12.104 11.605  1.00 25.03 ? 8   DC  A OP2   1 
ATOM   144 O  "O5'" . DC  A 1 8  ? 4.404  -10.707 13.635  1.00 22.49 ? 8   DC  A "O5'" 1 
ATOM   145 C  "C5'" . DC  A 1 8  ? 4.939  -9.915  14.702  1.00 20.21 ? 8   DC  A "C5'" 1 
ATOM   146 C  "C4'" . DC  A 1 8  ? 3.827  -9.127  15.355  1.00 19.28 ? 8   DC  A "C4'" 1 
ATOM   147 O  "O4'" . DC  A 1 8  ? 3.367  -8.088  14.469  1.00 18.61 ? 8   DC  A "O4'" 1 
ATOM   148 C  "C3'" . DC  A 1 8  ? 2.580  -9.929  15.686  1.00 19.01 ? 8   DC  A "C3'" 1 
ATOM   149 O  "O3'" . DC  A 1 8  ? 2.789  -10.540 16.961  1.00 19.79 ? 8   DC  A "O3'" 1 
ATOM   150 C  "C2'" . DC  A 1 8  ? 1.495  -8.870  15.711  1.00 18.86 ? 8   DC  A "C2'" 1 
ATOM   151 C  "C1'" . DC  A 1 8  ? 1.983  -7.830  14.711  1.00 18.33 ? 8   DC  A "C1'" 1 
ATOM   152 N  N1    . DC  A 1 8  ? 1.315  -7.810  13.404  1.00 18.04 ? 8   DC  A N1    1 
ATOM   153 C  C2    . DC  A 1 8  ? 0.425  -6.773  13.103  1.00 17.49 ? 8   DC  A C2    1 
ATOM   154 O  O2    . DC  A 1 8  ? 0.151  -5.937  13.980  1.00 17.38 ? 8   DC  A O2    1 
ATOM   155 N  N3    . DC  A 1 8  ? -0.121 -6.711  11.867  1.00 17.79 ? 8   DC  A N3    1 
ATOM   156 C  C4    . DC  A 1 8  ? 0.190  -7.634  10.952  1.00 18.08 ? 8   DC  A C4    1 
ATOM   157 N  N4    . DC  A 1 8  ? -0.384 -7.541  9.751   1.00 18.45 ? 8   DC  A N4    1 
ATOM   158 C  C5    . DC  A 1 8  ? 1.064  -8.719  11.243  1.00 18.48 ? 8   DC  A C5    1 
ATOM   159 C  C6    . DC  A 1 8  ? 1.615  -8.757  12.463  1.00 18.86 ? 8   DC  A C6    1 
ATOM   160 P  P     . DG  A 1 9  ? 1.951  -11.838 17.397  1.00 22.25 ? 9   DG  A P     1 
ATOM   161 O  OP1   . DG  A 1 9  ? 2.634  -12.403 18.598  1.00 22.48 ? 9   DG  A OP1   1 
ATOM   162 O  OP2   . DG  A 1 9  ? 1.663  -12.657 16.204  1.00 22.09 ? 9   DG  A OP2   1 
ATOM   163 O  "O5'" . DG  A 1 9  ? 0.568  -11.246 17.920  1.00 21.50 ? 9   DG  A "O5'" 1 
ATOM   164 C  "C5'" . DG  A 1 9  ? 0.476  -10.557 19.163  1.00 20.72 ? 9   DG  A "C5'" 1 
ATOM   165 C  "C4'" . DG  A 1 9  ? -0.879 -9.896  19.239  1.00 21.72 ? 9   DG  A "C4'" 1 
ATOM   166 O  "O4'" . DG  A 1 9  ? -0.989 -8.961  18.148  1.00 20.04 ? 9   DG  A "O4'" 1 
ATOM   167 C  "C3'" . DG  A 1 9  ? -2.045 -10.866 19.070  1.00 22.29 ? 9   DG  A "C3'" 1 
ATOM   168 O  "O3'" . DG  A 1 9  ? -2.436 -11.284 20.381  1.00 26.66 ? 9   DG  A "O3'" 1 
ATOM   169 C  "C2'" . DG  A 1 9  ? -3.095 -10.021 18.380  1.00 21.73 ? 9   DG  A "C2'" 1 
ATOM   170 C  "C1'" . DG  A 1 9  ? -2.279 -9.011  17.585  1.00 19.92 ? 9   DG  A "C1'" 1 
ATOM   171 N  N9    . DG  A 1 9  ? -2.152 -9.310  16.162  1.00 19.39 ? 9   DG  A N9    1 
ATOM   172 C  C8    . DG  A 1 9  ? -1.633 -10.424 15.547  1.00 18.79 ? 9   DG  A C8    1 
ATOM   173 N  N7    . DG  A 1 9  ? -1.706 -10.370 14.243  1.00 18.52 ? 9   DG  A N7    1 
ATOM   174 C  C5    . DG  A 1 9  ? -2.306 -9.144  13.985  1.00 18.17 ? 9   DG  A C5    1 
ATOM   175 C  C6    . DG  A 1 9  ? -2.691 -8.549  12.760  1.00 17.91 ? 9   DG  A C6    1 
ATOM   176 O  O6    . DG  A 1 9  ? -2.532 -8.977  11.614  1.00 18.51 ? 9   DG  A O6    1 
ATOM   177 N  N1    . DG  A 1 9  ? -3.279 -7.300  12.958  1.00 17.82 ? 9   DG  A N1    1 
ATOM   178 C  C2    . DG  A 1 9  ? -3.503 -6.723  14.183  1.00 17.86 ? 9   DG  A C2    1 
ATOM   179 N  N2    . DG  A 1 9  ? -4.098 -5.523  14.185  1.00 18.37 ? 9   DG  A N2    1 
ATOM   180 N  N3    . DG  A 1 9  ? -3.146 -7.270  15.331  1.00 18.22 ? 9   DG  A N3    1 
ATOM   181 C  C4    . DG  A 1 9  ? -2.578 -8.478  15.160  1.00 17.96 ? 9   DG  A C4    1 
ATOM   182 P  P     . DA  A 1 10 ? -3.466 -12.516 20.619  1.00 26.94 ? 10  DA  A P     1 
ATOM   183 O  OP1   . DA  A 1 10 ? -3.298 -12.953 22.033  1.00 29.67 ? 10  DA  A OP1   1 
ATOM   184 O  OP2   . DA  A 1 10 ? -3.345 -13.506 19.518  1.00 28.72 ? 10  DA  A OP2   1 
ATOM   185 O  "O5'" . DA  A 1 10 ? -4.896 -11.829 20.475  1.00 25.99 ? 10  DA  A "O5'" 1 
ATOM   186 C  "C5'" . DA  A 1 10 ? -5.301 -10.758 21.349  1.00 25.16 ? 10  DA  A "C5'" 1 
ATOM   187 C  "C4'" . DA  A 1 10 ? -6.626 -10.180 20.902  1.00 23.41 ? 10  DA  A "C4'" 1 
ATOM   188 O  "O4'" . DA  A 1 10 ? -6.553 -9.759  19.522  1.00 21.86 ? 10  DA  A "O4'" 1 
ATOM   189 C  "C3'" . DA  A 1 10 ? -7.833 -11.115 20.940  1.00 22.74 ? 10  DA  A "C3'" 1 
ATOM   190 O  "O3'" . DA  A 1 10 ? -8.388 -11.244 22.249  1.00 23.41 ? 10  DA  A "O3'" 1 
ATOM   191 C  "C2'" . DA  A 1 10 ? -8.778 -10.429 19.971  1.00 21.71 ? 10  DA  A "C2'" 1 
ATOM   192 C  "C1'" . DA  A 1 10 ? -7.828 -9.926  18.901  1.00 21.73 ? 10  DA  A "C1'" 1 
ATOM   193 N  N9    . DA  A 1 10 ? -7.682 -10.885 17.808  1.00 21.61 ? 10  DA  A N9    1 
ATOM   194 C  C8    . DA  A 1 10 ? -7.063 -12.112 17.840  1.00 21.99 ? 10  DA  A C8    1 
ATOM   195 N  N7    . DA  A 1 10 ? -7.118 -12.761 16.702  1.00 21.83 ? 10  DA  A N7    1 
ATOM   196 C  C5    . DA  A 1 10 ? -7.835 -11.914 15.870  1.00 20.96 ? 10  DA  A C5    1 
ATOM   197 C  C6    . DA  A 1 10 ? -8.228 -12.020 14.528  1.00 20.37 ? 10  DA  A C6    1 
ATOM   198 N  N6    . DA  A 1 10 ? -7.954 -13.079 13.760  1.00 21.04 ? 10  DA  A N6    1 
ATOM   199 N  N1    . DA  A 1 10 ? -8.902 -10.982 13.984  1.00 20.72 ? 10  DA  A N1    1 
ATOM   200 C  C2    . DA  A 1 10 ? -9.187 -9.924  14.762  1.00 20.97 ? 10  DA  A C2    1 
ATOM   201 N  N3    . DA  A 1 10 ? -8.871 -9.711  16.037  1.00 20.10 ? 10  DA  A N3    1 
ATOM   202 C  C4    . DA  A 1 10 ? -8.201 -10.761 16.543  1.00 21.32 ? 10  DA  A C4    1 
HETATM 203 C  C1    A KSB B 2 .  ? 0.485  8.694   -10.118 0.66 17.58 ? 101 KSB A C1    1 
HETATM 204 C  C1    B KSB B 2 .  ? -0.039 8.852   -8.942  0.34 20.58 ? 101 KSB A C1    1 
HETATM 205 C  C10   A KSB B 2 .  ? -0.065 8.841   -8.856  0.66 17.87 ? 101 KSB A C10   1 
HETATM 206 C  C10   B KSB B 2 .  ? 0.469  8.675   -10.200 0.34 20.42 ? 101 KSB A C10   1 
HETATM 207 C  C11   A KSB B 2 .  ? -1.276 9.115   -6.427  0.66 18.50 ? 101 KSB A C11   1 
HETATM 208 C  C11   B KSB B 2 .  ? 1.306  8.231   -12.719 0.34 21.09 ? 101 KSB A C11   1 
HETATM 209 C  C12   A KSB B 2 .  ? -1.933 8.483   -7.505  0.66 18.46 ? 101 KSB A C12   1 
HETATM 210 C  C12   B KSB B 2 .  ? 0.017  7.806   -12.335 0.34 20.87 ? 101 KSB A C12   1 
HETATM 211 C  C13   A KSB B 2 .  ? 3.848  11.158  -7.321  0.66 20.32 ? 101 KSB A C13   1 
HETATM 212 C  C13   B KSB B 2 .  ? 4.504  10.812  -8.880  0.34 21.17 ? 101 KSB A C13   1 
HETATM 213 C  C14   A KSB B 2 .  ? 4.504  11.811  -6.269  0.66 20.76 ? 101 KSB A C14   1 
HETATM 214 C  C14   B KSB B 2 .  ? 5.781  11.276  -9.160  0.34 21.66 ? 101 KSB A C14   1 
HETATM 215 C  C15   A KSB B 2 .  ? 4.451  11.010  -8.579  0.66 19.66 ? 101 KSB A C15   1 
HETATM 216 C  C15   B KSB B 2 .  ? 3.985  10.989  -7.607  0.34 21.50 ? 101 KSB A C15   1 
HETATM 217 C  C16   A KSB B 2 .  ? 5.725  11.545  -8.771  0.66 21.12 ? 101 KSB A C16   1 
HETATM 218 C  C16   B KSB B 2 .  ? 4.741  11.619  -6.619  0.34 22.01 ? 101 KSB A C16   1 
HETATM 219 C  C17   A KSB B 2 .  ? 6.392  12.177  -7.712  0.66 21.70 ? 101 KSB A C17   1 
HETATM 220 C  C17   B KSB B 2 .  ? 6.024  12.072  -6.901  0.34 22.21 ? 101 KSB A C17   1 
HETATM 221 C  C18   A KSB B 2 .  ? 5.777  12.323  -6.476  0.66 21.68 ? 101 KSB A C18   1 
HETATM 222 C  C18   B KSB B 2 .  ? 6.542  11.894  -8.174  0.34 22.06 ? 101 KSB A C18   1 
HETATM 223 C  C19   A KSB B 2 .  ? -2.743 5.151   -9.236  0.66 17.75 ? 101 KSB A C19   1 
HETATM 224 C  C19   B KSB B 2 .  ? -3.168 9.363   -12.069 0.34 20.30 ? 101 KSB A C19   1 
HETATM 225 C  C2    A KSB B 2 .  ? 0.154  7.816   -12.272 0.66 18.12 ? 101 KSB A C2    1 
HETATM 226 C  C2    B KSB B 2 .  ? -1.904 8.510   -7.573  0.34 20.85 ? 101 KSB A C2    1 
HETATM 227 C  C20   A KSB B 2 .  ? -0.603 5.119   -10.074 0.66 16.84 ? 101 KSB A C20   1 
HETATM 228 C  C20   B KSB B 2 .  ? -2.393 10.517  -10.208 0.34 20.60 ? 101 KSB A C20   1 
HETATM 229 C  C21   A KSB B 2 .  ? -0.511 3.768   -9.668  0.66 17.24 ? 101 KSB A C21   1 
HETATM 230 C  C21   B KSB B 2 .  ? -2.863 11.698  -10.813 0.34 20.65 ? 101 KSB A C21   1 
HETATM 231 C  C22   A KSB B 2 .  ? -2.668 3.802   -8.821  0.66 17.61 ? 101 KSB A C22   1 
HETATM 232 C  C22   B KSB B 2 .  ? -3.629 10.512  -12.679 0.34 20.56 ? 101 KSB A C22   1 
HETATM 233 C  C23   A KSB B 2 .  ? -3.789 3.229   -8.188  0.66 17.96 ? 101 KSB A C23   1 
HETATM 234 C  C23   B KSB B 2 .  ? -4.249 10.382  -13.928 0.34 20.91 ? 101 KSB A C23   1 
HETATM 235 C  C24   A KSB B 2 .  ? -4.930 4.012   -7.974  0.66 18.02 ? 101 KSB A C24   1 
HETATM 236 C  C24   B KSB B 2 .  ? -4.374 9.112   -14.528 0.34 20.45 ? 101 KSB A C24   1 
HETATM 237 C  C25   A KSB B 2 .  ? -4.986 5.352   -8.405  0.66 17.78 ? 101 KSB A C25   1 
HETATM 238 C  C25   B KSB B 2 .  ? -3.885 7.971   -13.887 0.34 20.99 ? 101 KSB A C25   1 
HETATM 239 C  C26   A KSB B 2 .  ? -3.870 5.917   -9.041  0.66 17.25 ? 101 KSB A C26   1 
HETATM 240 C  C26   B KSB B 2 .  ? -3.282 8.126   -12.658 0.34 20.16 ? 101 KSB A C26   1 
HETATM 241 C  C27   A KSB B 2 .  ? -6.017 7.414   -8.639  0.66 17.44 ? 101 KSB A C27   1 
HETATM 242 C  C27   B KSB B 2 .  ? -3.458 5.682   -13.694 0.34 21.23 ? 101 KSB A C27   1 
HETATM 243 C  C28   A KSB B 2 .  ? -4.863 7.964   -9.282  0.66 16.62 ? 101 KSB A C28   1 
HETATM 244 C  C28   B KSB B 2 .  ? -2.848 5.846   -12.436 0.34 21.02 ? 101 KSB A C28   1 
HETATM 245 C  C29   A KSB B 2 .  ? -3.179 9.518   -12.078 0.66 15.05 ? 101 KSB A C29   1 
HETATM 246 C  C29   B KSB B 2 .  ? -2.608 5.234   -9.231  0.34 21.40 ? 101 KSB A C29   1 
HETATM 247 C  C3    A KSB B 2 .  ? 1.454  8.295   -12.609 0.66 18.43 ? 101 KSB A C3    1 
HETATM 248 C  C3    B KSB B 2 .  ? -1.199 9.126   -6.523  0.34 20.94 ? 101 KSB A C3    1 
HETATM 249 C  C30   A KSB B 2 .  ? -2.414 10.652  -10.231 0.66 15.42 ? 101 KSB A C30   1 
HETATM 250 C  C30   B KSB B 2 .  ? -0.469 5.294   -10.106 0.34 20.98 ? 101 KSB A C30   1 
HETATM 251 C  C31   A KSB B 2 .  ? -2.860 11.872  -10.819 0.66 15.16 ? 101 KSB A C31   1 
HETATM 252 C  C31   B KSB B 2 .  ? -0.332 3.963   -9.685  0.34 21.05 ? 101 KSB A C31   1 
HETATM 253 C  C32   A KSB B 2 .  ? -3.622 10.726  -12.689 0.66 15.08 ? 101 KSB A C32   1 
HETATM 254 C  C32   B KSB B 2 .  ? -2.492 3.925   -8.814  0.34 21.43 ? 101 KSB A C32   1 
HETATM 255 C  C33   A KSB B 2 .  ? -4.263 10.672  -13.942 0.66 15.41 ? 101 KSB A C33   1 
HETATM 256 C  C33   B KSB B 2 .  ? -3.586 3.342   -8.167  0.34 21.84 ? 101 KSB A C33   1 
HETATM 257 C  C34   A KSB B 2 .  ? -4.428 9.422   -14.586 0.66 15.19 ? 101 KSB A C34   1 
HETATM 258 C  C34   B KSB B 2 .  ? -4.753 4.090   -7.964  0.34 21.60 ? 101 KSB A C34   1 
HETATM 259 C  C35   A KSB B 2 .  ? -3.958 8.247   -13.989 0.66 15.50 ? 101 KSB A C35   1 
HETATM 260 C  C35   B KSB B 2 .  ? -4.835 5.415   -8.408  0.34 21.51 ? 101 KSB A C35   1 
HETATM 261 C  C36   A KSB B 2 .  ? -3.323 8.296   -12.723 0.66 14.96 ? 101 KSB A C36   1 
HETATM 262 C  C36   B KSB B 2 .  ? -3.742 5.962   -9.038  0.34 21.21 ? 101 KSB A C36   1 
HETATM 263 C  C37   A KSB B 2 .  ? -3.622 5.952   -13.950 0.66 15.25 ? 101 KSB A C37   1 
HETATM 264 C  C37   B KSB B 2 .  ? -5.881 7.469   -8.700  0.34 21.47 ? 101 KSB A C37   1 
HETATM 265 C  C38   A KSB B 2 .  ? -2.990 6.015   -12.669 0.66 15.69 ? 101 KSB A C38   1 
HETATM 266 C  C38   B KSB B 2 .  ? -4.750 8.009   -9.345  0.34 20.85 ? 101 KSB A C38   1 
HETATM 267 C  C39   A KSB B 2 .  ? 7.552  12.709  -7.887  0.66 24.34 ? 101 KSB A C39   1 
HETATM 268 C  C39   B KSB B 2 .  ? 6.723  12.657  -5.986  0.34 22.95 ? 101 KSB A C39   1 
HETATM 269 C  C4    A KSB B 2 .  ? 2.270  8.959   -11.673 0.66 18.37 ? 101 KSB A C4    1 
HETATM 270 C  C4    B KSB B 2 .  ? 0.105  9.616   -6.706  0.34 21.33 ? 101 KSB A C4    1 
HETATM 271 C  C5    A KSB B 2 .  ? 1.778  9.191   -10.393 0.66 18.24 ? 101 KSB A C5    1 
HETATM 272 C  C5    B KSB B 2 .  ? 0.704  9.485   -7.955  0.34 20.75 ? 101 KSB A C5    1 
HETATM 273 C  C6    A KSB B 2 .  ? 2.527  9.853   -9.374  0.66 18.35 ? 101 KSB A C6    1 
HETATM 274 C  C6    B KSB B 2 .  ? 1.996  9.936   -8.266  0.34 20.69 ? 101 KSB A C6    1 
HETATM 275 C  C7    A KSB B 2 .  ? 1.930  10.030  -8.106  0.66 18.61 ? 101 KSB A C7    1 
HETATM 276 C  C7    B KSB B 2 .  ? 2.525  9.743   -9.549  0.34 20.65 ? 101 KSB A C7    1 
HETATM 277 C  C8    A KSB B 2 .  ? 0.641  9.526   -7.835  0.66 18.28 ? 101 KSB A C8    1 
HETATM 278 C  C8    B KSB B 2 .  ? 1.742  9.111   -10.527 0.34 20.73 ? 101 KSB A C8    1 
HETATM 279 C  C9    A KSB B 2 .  ? 0.013  9.642   -6.583  0.66 19.50 ? 101 KSB A C9    1 
HETATM 280 C  C9    B KSB B 2 .  ? 2.173  8.872   -11.822 0.34 20.96 ? 101 KSB A C9    1 
HETATM 281 N  N1    A KSB B 2 .  ? -1.335 8.231   -8.698  0.66 17.95 ? 101 KSB A N1    1 
HETATM 282 N  N1    B KSB B 2 .  ? -0.413 8.039   -11.091 0.34 21.06 ? 101 KSB A N1    1 
HETATM 283 N  N10   A KSB B 2 .  ? -3.452 11.916  -12.036 0.66 15.01 ? 101 KSB A N10   1 
HETATM 284 N  N10   B KSB B 2 .  ? -1.317 3.291   -9.047  0.34 21.75 ? 101 KSB A N10   1 
HETATM 285 N  N11   A KSB B 2 .  ? -4.094 7.040   -14.590 0.66 15.99 ? 101 KSB A N11   1 
HETATM 286 N  N11   B KSB B 2 .  ? -5.926 6.198   -8.241  0.34 21.57 ? 101 KSB A N11   1 
HETATM 287 N  N12   A KSB B 2 .  ? -2.832 7.158   -11.992 0.66 15.77 ? 101 KSB A N12   1 
HETATM 288 N  N12   B KSB B 2 .  ? -3.667 7.268   -9.537  0.34 21.12 ? 101 KSB A N12   1 
HETATM 289 N  N2    A KSB B 2 .  ? -0.376 8.048   -11.057 0.66 18.18 ? 101 KSB A N2    1 
HETATM 290 N  N2    B KSB B 2 .  ? -1.323 8.313   -8.763  0.34 20.85 ? 101 KSB A N2    1 
HETATM 291 N  N3    A KSB B 2 .  ? 3.782  10.384  -9.599  0.66 19.62 ? 101 KSB A N3    1 
HETATM 292 N  N3    B KSB B 2 .  ? 2.743  10.549  -7.322  0.34 21.35 ? 101 KSB A N3    1 
HETATM 293 N  N4    A KSB B 2 .  ? 2.613  10.666  -7.114  0.66 19.98 ? 101 KSB A N4    1 
HETATM 294 N  N4    B KSB B 2 .  ? 3.773  10.197  -9.844  0.34 21.01 ? 101 KSB A N4    1 
HETATM 295 N  N5    A KSB B 2 .  ? -1.700 5.877   -9.852  0.66 17.13 ? 101 KSB A N5    1 
HETATM 296 N  N5    B KSB B 2 .  ? -2.529 9.347   -10.828 0.34 20.44 ? 101 KSB A N5    1 
HETATM 297 N  N6    A KSB B 2 .  ? -1.518 3.103   -9.035  0.66 17.92 ? 101 KSB A N6    1 
HETATM 298 N  N6    B KSB B 2 .  ? -3.465 11.691  -12.025 0.34 20.84 ? 101 KSB A N6    1 
HETATM 299 N  N7    A KSB B 2 .  ? -6.085 6.129   -8.206  0.66 17.50 ? 101 KSB A N7    1 
HETATM 300 N  N7    B KSB B 2 .  ? -3.962 6.715   -14.392 0.34 21.05 ? 101 KSB A N7    1 
HETATM 301 N  N74   A KSB B 2 .  ? 8.598  13.205  -8.052  0.66 25.63 ? 101 KSB A N74   1 
HETATM 302 N  N74   B KSB B 2 .  ? 7.352  13.188  -5.160  0.34 23.89 ? 101 KSB A N74   1 
HETATM 303 N  N8    A KSB B 2 .  ? -3.767 7.249   -9.548  0.66 17.36 ? 101 KSB A N8    1 
HETATM 304 N  N8    B KSB B 2 .  ? -2.767 7.063   -11.902 0.34 20.57 ? 101 KSB A N8    1 
HETATM 305 N  N9    A KSB B 2 .  ? -2.506 9.429   -10.834 0.66 15.97 ? 101 KSB A N9    1 
HETATM 306 N  N9    B KSB B 2 .  ? -1.596 5.955   -9.855  0.34 21.12 ? 101 KSB A N9    1 
HETATM 307 RU RU    A KSB B 2 .  ? -2.079 7.662   -10.331 0.66 16.18 ? 101 KSB A RU    1 
HETATM 308 RU RU    B KSB B 2 .  ? -2.049 7.662   -10.330 0.34 19.44 ? 101 KSB A RU    1 
HETATM 309 BA BA    . BA  C 3 .  ? 0.546  2.618   -0.344  1.00 23.85 ? 102 BA  A BA    1 
HETATM 310 O  O     . HOH D 4 .  ? -2.504 -1.089  -0.366  1.00 39.46 ? 201 HOH A O     1 
HETATM 311 O  O     . HOH D 4 .  ? -2.947 -13.599 17.026  1.00 37.50 ? 202 HOH A O     1 
HETATM 312 O  O     . HOH D 4 .  ? -8.680 11.114  -6.963  1.00 29.87 ? 203 HOH A O     1 
HETATM 313 O  O     . HOH D 4 .  ? 7.792  -11.972 -0.385  0.50 26.28 ? 204 HOH A O     1 
HETATM 314 O  O     . HOH D 4 .  ? 6.061  -13.737 15.653  0.50 23.58 ? 205 HOH A O     1 
HETATM 315 O  O     . HOH D 4 .  ? 3.166  -12.360 21.132  1.00 44.13 ? 206 HOH A O     1 
HETATM 316 O  O     . HOH D 4 .  ? -7.564 -13.377 23.535  1.00 40.18 ? 207 HOH A O     1 
HETATM 317 O  O     . HOH D 4 .  ? -4.952 9.242   -1.817  1.00 41.25 ? 208 HOH A O     1 
HETATM 318 O  O     . HOH D 4 .  ? 8.773  -12.533 12.569  1.00 39.35 ? 209 HOH A O     1 
HETATM 319 O  O     . HOH D 4 .  ? 1.521  -3.960  15.123  1.00 21.46 ? 210 HOH A O     1 
HETATM 320 O  O     . HOH D 4 .  ? -0.691 -13.842 15.682  1.00 38.36 ? 211 HOH A O     1 
HETATM 321 O  O     . HOH D 4 .  ? -2.048 1.374   -0.803  1.00 32.96 ? 212 HOH A O     1 
HETATM 322 O  O     . HOH D 4 .  ? -1.777 -11.173 10.212  1.00 26.77 ? 213 HOH A O     1 
HETATM 323 O  O     . HOH D 4 .  ? 1.574  -8.304  1.288   1.00 51.07 ? 214 HOH A O     1 
HETATM 324 O  O     . HOH D 4 .  ? 5.293  -14.354 10.272  1.00 50.02 ? 215 HOH A O     1 
HETATM 325 O  O     . HOH D 4 .  ? 7.137  -4.395  11.138  1.00 27.04 ? 216 HOH A O     1 
HETATM 326 O  O     . HOH D 4 .  ? -0.556 -12.260 12.621  1.00 31.69 ? 217 HOH A O     1 
HETATM 327 O  O     . HOH D 4 .  ? 1.926  4.728   -0.910  1.00 24.33 ? 218 HOH A O     1 
HETATM 328 O  O     . HOH D 4 .  ? -9.122 -8.726  23.114  1.00 22.79 ? 219 HOH A O     1 
HETATM 329 O  O     . HOH D 4 .  ? -6.385 -0.292  -1.855  1.00 47.23 ? 220 HOH A O     1 
HETATM 330 O  O     . HOH D 4 .  ? 1.777  -11.974 11.211  1.00 43.13 ? 221 HOH A O     1 
HETATM 331 O  O     . HOH D 4 .  ? 0.779  -6.240  3.056   1.00 28.38 ? 222 HOH A O     1 
HETATM 332 O  O     . HOH D 4 .  ? 4.878  -4.433  -3.623  1.00 20.87 ? 223 HOH A O     1 
HETATM 333 O  O     . HOH D 4 .  ? -0.304 -7.447  5.454   1.00 33.60 ? 224 HOH A O     1 
HETATM 334 O  O     . HOH D 4 .  ? 6.362  -13.840 2.857   0.50 33.61 ? 225 HOH A O     1 
HETATM 335 O  O     . HOH D 4 .  ? -5.363 -15.023 16.556  0.50 22.51 ? 226 HOH A O     1 
HETATM 336 O  O     . HOH D 4 .  ? -1.672 0.241   -9.187  1.00 30.79 ? 227 HOH A O     1 
HETATM 337 O  O     . HOH D 4 .  ? 0.233  -3.302  4.074   1.00 23.37 ? 228 HOH A O     1 
HETATM 338 O  O     . HOH D 4 .  ? 0.324  -1.991  1.548   1.00 33.85 ? 229 HOH A O     1 
HETATM 339 O  O     . HOH D 4 .  ? -1.424 4.442   -1.054  1.00 23.37 ? 230 HOH A O     1 
HETATM 340 O  O     . HOH D 4 .  ? -6.871 -15.826 13.892  1.00 44.48 ? 231 HOH A O     1 
HETATM 341 O  O     . HOH D 4 .  ? -8.084 4.865   -6.432  1.00 27.53 ? 232 HOH A O     1 
HETATM 342 O  O     . HOH D 4 .  ? -0.160 -10.027 8.166   1.00 23.70 ? 233 HOH A O     1 
HETATM 343 O  O     . HOH D 4 .  ? 8.570  -6.658  7.693   1.00 40.09 ? 234 HOH A O     1 
HETATM 344 O  O     . HOH D 4 .  ? -5.289 -14.983 22.881  0.50 26.22 ? 235 HOH A O     1 
HETATM 345 O  O     . HOH D 4 .  ? 2.889  9.305   -1.301  1.00 43.28 ? 236 HOH A O     1 
HETATM 346 O  O     . HOH D 4 .  ? -7.526 2.325   -5.577  1.00 36.73 ? 237 HOH A O     1 
HETATM 347 O  O     . HOH D 4 .  ? -4.699 16.930  -4.811  1.00 44.92 ? 238 HOH A O     1 
HETATM 348 O  O     . HOH D 4 .  ? 2.112  -0.146  -8.485  1.00 31.57 ? 239 HOH A O     1 
HETATM 349 O  O     . HOH D 4 .  ? 3.110  -8.463  -5.494  1.00 35.74 ? 240 HOH A O     1 
HETATM 350 O  O     . HOH D 4 .  ? 0.224  0.673   1.492   1.00 47.96 ? 241 HOH A O     1 
HETATM 351 O  O     . HOH D 4 .  ? 1.533  12.479  -4.617  1.00 50.78 ? 242 HOH A O     1 
HETATM 352 O  O     . HOH D 4 .  ? -5.347 -3.477  -6.827  1.00 41.49 ? 243 HOH A O     1 
HETATM 353 O  O     . HOH D 4 .  ? -3.930 -6.711  -1.557  1.00 52.08 ? 244 HOH A O     1 
HETATM 354 O  O     . HOH D 4 .  ? 2.814  1.689   -10.974 1.00 23.45 ? 245 HOH A O     1 
HETATM 355 O  O     . HOH D 4 .  ? 2.611  -11.018 8.785   1.00 35.72 ? 246 HOH A O     1 
HETATM 356 O  O     . HOH D 4 .  ? 5.042  11.688  -2.869  0.50 23.24 ? 247 HOH A O     1 
HETATM 357 O  O     . HOH D 4 .  ? -1.412 -8.356  -5.625  1.00 44.10 ? 248 HOH A O     1 
HETATM 358 O  O     . HOH D 4 .  ? 12.173 12.992  -8.526  0.50 31.09 ? 249 HOH A O     1 
HETATM 359 O  O     . HOH D 4 .  ? 3.605  -6.022  -5.614  1.00 24.32 ? 250 HOH A O     1 
HETATM 360 O  O     . HOH D 4 .  ? -0.395 0.786   -11.846 1.00 40.60 ? 251 HOH A O     1 
HETATM 361 O  O     . HOH D 4 .  ? -2.028 9.457   -2.533  0.50 25.34 ? 252 HOH A O     1 
HETATM 362 O  O     . HOH D 4 .  ? 0.100  -4.185  -7.633  1.00 39.38 ? 253 HOH A O     1 
HETATM 363 O  O     . HOH D 4 .  ? -2.368 -8.246  1.962   0.50 34.99 ? 254 HOH A O     1 
HETATM 364 O  O     . HOH D 4 .  ? -1.443 -3.638  0.907   1.00 46.96 ? 255 HOH A O     1 
HETATM 365 O  O     . HOH D 4 .  ? -2.070 2.681   -13.005 1.00 31.22 ? 256 HOH A O     1 
HETATM 366 O  O     . HOH D 4 .  ? -4.558 -0.502  -8.819  1.00 47.36 ? 257 HOH A O     1 
HETATM 367 O  O     . HOH D 4 .  ? 5.872  -10.729 -3.903  1.00 32.23 ? 258 HOH A O     1 
HETATM 368 O  O     . HOH D 4 .  ? 0.218  4.547   -13.390 1.00 26.39 ? 259 HOH A O     1 
HETATM 369 O  O     . HOH D 4 .  ? -1.147 4.724   -16.903 1.00 42.80 ? 260 HOH A O     1 
HETATM 370 O  O     . HOH D 4 .  ? -5.109 -9.561  24.641  0.50 22.10 ? 261 HOH A O     1 
HETATM 371 O  O     . HOH D 4 .  ? -1.963 7.296   -0.860  1.00 37.55 ? 262 HOH A O     1 
HETATM 372 O  O     . HOH D 4 .  ? 1.364  7.450   0.382   1.00 44.22 ? 263 HOH A O     1 
HETATM 373 O  O     . HOH D 4 .  ? -0.201 4.056   1.658   1.00 31.29 ? 264 HOH A O     1 
HETATM 374 O  O     . HOH D 4 .  ? -0.275 19.010  -2.577  0.50 37.08 ? 265 HOH A O     1 
# 
